data_9VNQ
#
_entry.id   9VNQ
#
_cell.length_a   1.00
_cell.length_b   1.00
_cell.length_c   1.00
_cell.angle_alpha   90.00
_cell.angle_beta   90.00
_cell.angle_gamma   90.00
#
_symmetry.space_group_name_H-M   'P 1'
#
loop_
_entity.id
_entity.type
_entity.pdbx_description
1 polymer 'Non-homologous end joining protein Ku'
2 polymer 'DNA (31-MER)'
3 polymer 'DNA (31-MER)'
#
loop_
_entity_poly.entity_id
_entity_poly.type
_entity_poly.pdbx_seq_one_letter_code
_entity_poly.pdbx_strand_id
1 'polypeptide(L)'
;MHTMWKGSISFGLVNIPIKLYAATEDKDIKLRSLHKEDHAPIKYEKVCTNCEKTLSPDEIVKGYEYVKGKYVVLTDEDLK
SLKQEHEEKAVEIVDFVQLQEIDPIYFNRSYFVGPGDNGTKAYTLLREALRSTGKIGIANMTIRSKQQLAILRVYENCIV
MESIHYPDEVRSAAQVPGVPDQSNVNDKELQTAITLIDELTAKFEPEKYEDTYRQALLQRVNDKLEN
;
A,B,C,D
2 'polydeoxyribonucleotide'
;(DC)(DT)(DG)(DT)(DA)(DG)(DA)(DA)(DG)(DG)(DT)(DA)(DC)(DC)(DT)(DG)(DT)(DA)(DG)(DA)
(DA)(DG)(DG)(DT)(DA)(DC)(DC)(DT)(DG)(DT)(DA)
;
E
3 'polydeoxyribonucleotide'
;(DT)(DA)(DC)(DA)(DG)(DG)(DT)(DA)(DC)(DC)(DT)(DT)(DC)(DT)(DA)(DC)(DA)(DG)(DG)(DT)
(DA)(DC)(DC)(DT)(DT)(DC)(DT)(DA)(DC)(DA)(DG)
;
F
#
# COMPACT_ATOMS: atom_id res chain seq x y z
N MET A 1 17.94 -0.60 -10.22
CA MET A 1 18.22 0.83 -10.19
C MET A 1 18.02 1.39 -8.79
N HIS A 2 18.18 2.71 -8.66
CA HIS A 2 18.04 3.40 -7.38
C HIS A 2 16.64 3.99 -7.29
N THR A 3 15.88 3.58 -6.28
CA THR A 3 14.55 4.13 -6.06
C THR A 3 14.65 5.58 -5.62
N MET A 4 13.89 6.45 -6.27
CA MET A 4 13.89 7.87 -5.94
C MET A 4 12.59 8.34 -5.31
N TRP A 5 11.59 7.48 -5.21
CA TRP A 5 10.28 7.88 -4.71
C TRP A 5 9.50 6.65 -4.30
N LYS A 6 8.90 6.69 -3.12
CA LYS A 6 8.03 5.63 -2.63
C LYS A 6 6.66 6.22 -2.33
N GLY A 7 5.61 5.61 -2.88
CA GLY A 7 4.27 6.09 -2.67
C GLY A 7 3.20 5.12 -3.16
N SER A 8 2.12 5.64 -3.71
CA SER A 8 1.04 4.79 -4.18
C SER A 8 0.25 5.51 -5.26
N ILE A 9 -0.32 4.75 -6.17
CA ILE A 9 -1.23 5.29 -7.18
C ILE A 9 -2.64 5.18 -6.62
N SER A 10 -3.26 6.32 -6.35
CA SER A 10 -4.55 6.36 -5.66
C SER A 10 -5.58 7.07 -6.52
N PHE A 11 -6.65 6.35 -6.87
CA PHE A 11 -7.84 6.94 -7.47
C PHE A 11 -9.07 6.33 -6.79
N GLY A 12 -9.49 6.95 -5.69
CA GLY A 12 -10.63 6.46 -4.93
C GLY A 12 -10.24 5.30 -4.01
N LEU A 13 -10.98 4.20 -4.11
CA LEU A 13 -10.70 3.03 -3.28
C LEU A 13 -9.43 2.31 -3.69
N VAL A 14 -8.91 2.58 -4.89
CA VAL A 14 -7.71 1.92 -5.37
C VAL A 14 -6.48 2.64 -4.84
N ASN A 15 -5.52 1.88 -4.31
CA ASN A 15 -4.28 2.45 -3.78
C ASN A 15 -3.18 1.42 -3.98
N ILE A 16 -2.42 1.56 -5.05
CA ILE A 16 -1.41 0.58 -5.45
C ILE A 16 -0.05 1.10 -5.02
N PRO A 17 0.59 0.50 -4.03
CA PRO A 17 1.94 0.94 -3.64
C PRO A 17 2.92 0.75 -4.79
N ILE A 18 3.68 1.80 -5.08
CA ILE A 18 4.58 1.84 -6.22
C ILE A 18 5.89 2.51 -5.82
N LYS A 19 6.90 2.31 -6.66
CA LYS A 19 8.20 2.96 -6.53
C LYS A 19 8.59 3.54 -7.87
N LEU A 20 9.34 4.65 -7.84
CA LEU A 20 9.77 5.33 -9.05
C LEU A 20 11.28 5.25 -9.23
N TYR A 21 11.69 5.07 -10.47
CA TYR A 21 13.09 5.07 -10.87
C TYR A 21 13.25 6.01 -12.05
N ALA A 22 14.38 6.71 -12.11
CA ALA A 22 14.64 7.58 -13.25
C ALA A 22 14.83 6.74 -14.50
N ALA A 23 14.10 7.06 -15.56
CA ALA A 23 14.19 6.33 -16.81
C ALA A 23 15.30 6.82 -17.72
N THR A 24 15.94 7.94 -17.37
CA THR A 24 17.02 8.50 -18.17
C THR A 24 18.11 9.05 -17.26
N GLU A 25 19.33 9.07 -17.78
CA GLU A 25 20.48 9.62 -17.07
C GLU A 25 21.23 10.56 -17.99
N ASP A 26 21.73 11.65 -17.44
CA ASP A 26 22.50 12.63 -18.21
C ASP A 26 23.97 12.21 -18.20
N LYS A 27 24.44 11.69 -19.34
CA LYS A 27 25.82 11.26 -19.49
C LYS A 27 26.70 12.35 -20.09
N ASP A 28 26.17 13.53 -20.35
CA ASP A 28 26.95 14.60 -20.95
C ASP A 28 28.08 15.02 -20.02
N ILE A 29 29.20 15.42 -20.63
CA ILE A 29 30.41 15.76 -19.88
C ILE A 29 30.23 17.13 -19.24
N LYS A 30 30.48 17.21 -17.94
CA LYS A 30 30.45 18.47 -17.20
C LYS A 30 31.88 18.90 -16.90
N LEU A 31 32.18 20.16 -17.20
CA LEU A 31 33.52 20.71 -17.03
C LEU A 31 33.51 21.72 -15.89
N ARG A 32 34.39 21.49 -14.91
CA ARG A 32 34.51 22.40 -13.78
C ARG A 32 35.30 23.64 -14.18
N SER A 33 35.03 24.74 -13.48
CA SER A 33 35.75 25.99 -13.69
C SER A 33 36.93 26.07 -12.74
N LEU A 34 38.10 26.39 -13.28
CA LEU A 34 39.33 26.45 -12.51
C LEU A 34 40.09 27.74 -12.84
N HIS A 35 40.89 28.20 -11.87
CA HIS A 35 41.73 29.35 -12.10
C HIS A 35 42.83 29.01 -13.10
N LYS A 36 43.23 30.01 -13.90
CA LYS A 36 44.18 29.77 -14.98
C LYS A 36 45.54 29.34 -14.45
N GLU A 37 46.02 29.99 -13.38
CA GLU A 37 47.34 29.72 -12.85
C GLU A 37 47.34 28.90 -11.57
N ASP A 38 46.26 28.92 -10.81
CA ASP A 38 46.19 28.13 -9.58
C ASP A 38 45.58 26.76 -9.81
N HIS A 39 44.76 26.61 -10.85
CA HIS A 39 44.12 25.33 -11.21
C HIS A 39 43.31 24.78 -10.04
N ALA A 40 42.60 25.66 -9.35
CA ALA A 40 41.72 25.31 -8.25
C ALA A 40 40.27 25.58 -8.63
N PRO A 41 39.32 24.80 -8.10
CA PRO A 41 37.92 25.01 -8.46
C PRO A 41 37.41 26.37 -8.04
N ILE A 42 36.44 26.88 -8.80
CA ILE A 42 35.91 28.23 -8.61
C ILE A 42 34.55 28.12 -7.92
N LYS A 43 34.33 28.95 -6.91
CA LYS A 43 33.10 28.96 -6.15
C LYS A 43 32.33 30.25 -6.41
N TYR A 44 31.00 30.17 -6.30
CA TYR A 44 30.13 31.31 -6.51
C TYR A 44 29.90 32.05 -5.20
N GLU A 45 30.01 33.38 -5.24
CA GLU A 45 29.87 34.22 -4.06
C GLU A 45 28.85 35.31 -4.34
N LYS A 46 27.85 35.44 -3.47
CA LYS A 46 26.77 36.39 -3.68
C LYS A 46 27.17 37.77 -3.20
N VAL A 47 26.98 38.77 -4.06
CA VAL A 47 27.32 40.16 -3.76
C VAL A 47 26.17 41.04 -4.26
N CYS A 48 25.69 41.93 -3.40
CA CYS A 48 24.62 42.84 -3.79
C CYS A 48 25.09 43.83 -4.84
N THR A 49 24.20 44.16 -5.79
CA THR A 49 24.54 45.11 -6.84
C THR A 49 24.51 46.55 -6.37
N ASN A 50 23.87 46.83 -5.24
CA ASN A 50 23.78 48.19 -4.71
C ASN A 50 24.68 48.41 -3.52
N CYS A 51 24.57 47.58 -2.48
CA CYS A 51 25.42 47.73 -1.31
C CYS A 51 26.85 47.29 -1.57
N GLU A 52 27.08 46.50 -2.62
CA GLU A 52 28.42 46.03 -3.00
C GLU A 52 29.10 45.29 -1.85
N LYS A 53 28.33 44.47 -1.14
CA LYS A 53 28.84 43.70 -0.01
C LYS A 53 28.42 42.25 -0.15
N THR A 54 29.24 41.36 0.42
CA THR A 54 28.92 39.94 0.43
C THR A 54 27.69 39.69 1.31
N LEU A 55 26.80 38.83 0.84
CA LEU A 55 25.53 38.59 1.53
C LEU A 55 25.47 37.14 1.97
N SER A 56 25.19 36.93 3.26
CA SER A 56 24.96 35.61 3.79
C SER A 56 23.59 35.09 3.35
N PRO A 57 23.37 33.78 3.41
CA PRO A 57 22.05 33.25 3.03
C PRO A 57 20.90 33.84 3.83
N ASP A 58 21.15 34.22 5.09
CA ASP A 58 20.10 34.83 5.90
C ASP A 58 19.80 36.27 5.52
N GLU A 59 20.61 36.89 4.67
CA GLU A 59 20.38 38.25 4.20
C GLU A 59 19.74 38.28 2.83
N ILE A 60 19.32 37.14 2.30
CA ILE A 60 18.75 37.03 0.97
C ILE A 60 17.26 36.73 1.10
N VAL A 61 16.44 37.49 0.37
CA VAL A 61 15.00 37.28 0.33
C VAL A 61 14.58 37.19 -1.13
N LYS A 62 13.49 36.44 -1.37
CA LYS A 62 13.01 36.20 -2.72
C LYS A 62 12.00 37.25 -3.13
N GLY A 63 12.10 37.70 -4.37
CA GLY A 63 11.20 38.71 -4.89
C GLY A 63 10.76 38.47 -6.31
N TYR A 64 9.45 38.47 -6.53
CA TYR A 64 8.90 38.29 -7.87
C TYR A 64 8.95 39.60 -8.64
N GLU A 65 9.58 39.57 -9.81
CA GLU A 65 9.71 40.75 -10.66
C GLU A 65 8.40 40.97 -11.39
N TYR A 66 7.63 41.99 -10.98
CA TYR A 66 6.32 42.18 -11.59
C TYR A 66 6.36 43.08 -12.82
N VAL A 67 7.23 44.10 -12.81
CA VAL A 67 7.60 44.85 -14.01
C VAL A 67 9.11 45.00 -14.02
N LYS A 68 9.63 45.57 -15.11
CA LYS A 68 11.07 45.70 -15.28
C LYS A 68 11.70 46.50 -14.15
N GLY A 69 12.51 45.85 -13.33
CA GLY A 69 13.21 46.51 -12.24
C GLY A 69 12.43 46.68 -10.95
N LYS A 70 11.23 46.11 -10.85
CA LYS A 70 10.42 46.23 -9.65
C LYS A 70 10.00 44.85 -9.16
N TYR A 71 10.23 44.61 -7.88
CA TYR A 71 10.04 43.30 -7.27
C TYR A 71 9.11 43.40 -6.08
N VAL A 72 8.11 42.52 -6.04
CA VAL A 72 7.30 42.29 -4.86
C VAL A 72 8.00 41.22 -4.05
N VAL A 73 8.44 41.57 -2.85
CA VAL A 73 9.21 40.63 -2.03
C VAL A 73 8.24 39.64 -1.39
N LEU A 74 8.39 38.36 -1.75
CA LEU A 74 7.55 37.30 -1.21
C LEU A 74 8.25 36.71 0.00
N THR A 75 7.69 36.95 1.18
CA THR A 75 8.27 36.42 2.40
C THR A 75 8.25 34.90 2.40
N ASP A 76 9.15 34.31 3.19
CA ASP A 76 9.24 32.85 3.24
C ASP A 76 7.92 32.23 3.68
N GLU A 77 7.30 32.82 4.71
CA GLU A 77 6.02 32.31 5.19
C GLU A 77 4.97 32.31 4.09
N ASP A 78 4.99 33.35 3.25
CA ASP A 78 4.08 33.38 2.10
C ASP A 78 4.36 32.23 1.15
N LEU A 79 5.63 31.93 0.91
CA LEU A 79 6.00 30.85 0.00
C LEU A 79 5.52 29.50 0.53
N LYS A 80 5.66 29.27 1.84
CA LYS A 80 5.16 28.01 2.39
C LYS A 80 3.63 27.99 2.38
N SER A 81 2.99 29.15 2.55
CA SER A 81 1.53 29.19 2.53
C SER A 81 0.98 28.87 1.14
N LEU A 82 1.67 29.34 0.09
CA LEU A 82 1.23 29.03 -1.26
C LEU A 82 1.32 27.54 -1.57
N LYS A 83 2.34 26.86 -1.04
CA LYS A 83 2.50 25.44 -1.30
C LYS A 83 1.44 24.65 -0.53
N GLN A 84 0.75 23.76 -1.25
CA GLN A 84 -0.24 22.87 -0.64
C GLN A 84 0.44 21.52 -0.40
N GLU A 85 1.25 21.47 0.66
CA GLU A 85 2.02 20.27 0.96
C GLU A 85 1.10 19.12 1.35
N HIS A 86 1.44 17.92 0.88
CA HIS A 86 0.68 16.71 1.16
C HIS A 86 1.52 15.79 2.03
N GLU A 87 0.90 15.27 3.10
CA GLU A 87 1.57 14.32 3.98
C GLU A 87 1.56 12.90 3.43
N GLU A 88 0.76 12.63 2.40
CA GLU A 88 0.65 11.31 1.80
C GLU A 88 1.25 11.36 0.40
N LYS A 89 2.24 10.52 0.14
CA LYS A 89 2.90 10.47 -1.17
C LYS A 89 2.05 9.63 -2.10
N ALA A 90 1.24 10.28 -2.93
CA ALA A 90 0.34 9.59 -3.83
C ALA A 90 0.34 10.25 -5.20
N VAL A 91 0.32 9.41 -6.24
CA VAL A 91 0.08 9.87 -7.60
C VAL A 91 -1.43 9.81 -7.79
N GLU A 92 -2.11 10.88 -7.35
CA GLU A 92 -3.57 10.90 -7.33
C GLU A 92 -4.10 11.04 -8.75
N ILE A 93 -4.72 9.98 -9.26
CA ILE A 93 -5.24 9.98 -10.62
C ILE A 93 -6.55 10.75 -10.65
N VAL A 94 -6.60 11.77 -11.51
CA VAL A 94 -7.79 12.60 -11.64
C VAL A 94 -8.62 12.26 -12.87
N ASP A 95 -8.04 11.59 -13.87
CA ASP A 95 -8.80 11.28 -15.07
C ASP A 95 -8.18 10.08 -15.79
N PHE A 96 -8.96 9.48 -16.67
CA PHE A 96 -8.48 8.44 -17.58
C PHE A 96 -8.89 8.85 -18.99
N VAL A 97 -7.92 9.06 -19.87
CA VAL A 97 -8.21 9.53 -21.22
C VAL A 97 -7.50 8.62 -22.22
N GLN A 98 -8.03 8.61 -23.44
CA GLN A 98 -7.46 7.75 -24.47
C GLN A 98 -6.02 8.14 -24.76
N LEU A 99 -5.21 7.15 -25.15
CA LEU A 99 -3.78 7.36 -25.31
C LEU A 99 -3.48 8.39 -26.39
N GLN A 100 -4.26 8.39 -27.47
CA GLN A 100 -4.04 9.31 -28.58
C GLN A 100 -4.41 10.76 -28.24
N GLU A 101 -5.11 10.99 -27.14
CA GLU A 101 -5.57 12.34 -26.83
C GLU A 101 -4.42 13.24 -26.41
N ILE A 102 -3.35 12.68 -25.84
CA ILE A 102 -2.20 13.45 -25.39
C ILE A 102 -1.01 13.07 -26.24
N ASP A 103 -0.47 14.06 -26.97
CA ASP A 103 0.69 13.87 -27.82
C ASP A 103 1.97 13.83 -26.97
N PRO A 104 3.03 13.19 -27.48
CA PRO A 104 4.32 13.23 -26.77
C PRO A 104 4.92 14.63 -26.72
N ILE A 105 4.23 15.59 -27.33
CA ILE A 105 4.64 16.99 -27.21
C ILE A 105 4.57 17.42 -25.75
N TYR A 106 3.57 16.94 -25.02
CA TYR A 106 3.40 17.32 -23.61
C TYR A 106 4.47 16.72 -22.71
N PHE A 107 5.05 15.58 -23.10
CA PHE A 107 5.90 14.83 -22.19
C PHE A 107 7.16 15.61 -21.84
N ASN A 108 7.54 15.58 -20.56
CA ASN A 108 8.70 16.30 -20.05
C ASN A 108 9.77 15.36 -19.50
N ARG A 109 9.43 14.51 -18.53
CA ARG A 109 10.39 13.62 -17.91
C ARG A 109 9.75 12.25 -17.72
N SER A 110 10.52 11.20 -17.96
CA SER A 110 10.03 9.82 -17.93
C SER A 110 10.54 9.10 -16.69
N TYR A 111 9.65 8.35 -16.05
CA TYR A 111 10.00 7.55 -14.89
C TYR A 111 9.46 6.14 -15.07
N PHE A 112 10.20 5.16 -14.53
CA PHE A 112 9.76 3.78 -14.50
C PHE A 112 9.06 3.51 -13.18
N VAL A 113 7.87 2.94 -13.26
CA VAL A 113 7.05 2.62 -12.09
C VAL A 113 7.16 1.13 -11.83
N GLY A 114 7.65 0.76 -10.65
CA GLY A 114 7.74 -0.62 -10.24
C GLY A 114 6.83 -0.92 -9.08
N PRO A 115 6.45 -2.18 -8.91
CA PRO A 115 5.57 -2.54 -7.79
C PRO A 115 6.23 -2.26 -6.45
N GLY A 116 5.43 -1.83 -5.48
CA GLY A 116 5.90 -1.58 -4.14
C GLY A 116 5.73 -2.79 -3.26
N ASP A 117 5.61 -2.54 -1.95
CA ASP A 117 5.41 -3.61 -1.00
C ASP A 117 3.95 -4.04 -1.01
N ASN A 118 3.72 -5.35 -1.22
CA ASN A 118 2.37 -5.93 -1.21
C ASN A 118 1.47 -5.26 -2.24
N GLY A 119 2.01 -4.95 -3.41
CA GLY A 119 1.23 -4.29 -4.44
C GLY A 119 1.50 -4.79 -5.84
N THR A 120 1.99 -6.03 -5.97
CA THR A 120 2.29 -6.59 -7.28
C THR A 120 1.03 -6.97 -8.03
N LYS A 121 0.05 -7.56 -7.36
CA LYS A 121 -1.17 -8.02 -8.02
C LYS A 121 -1.96 -6.84 -8.59
N ALA A 122 -2.14 -5.80 -7.77
CA ALA A 122 -2.83 -4.60 -8.26
C ALA A 122 -2.03 -3.91 -9.36
N TYR A 123 -0.70 -3.92 -9.27
CA TYR A 123 0.12 -3.35 -10.33
C TYR A 123 -0.11 -4.07 -11.65
N THR A 124 -0.11 -5.41 -11.62
CA THR A 124 -0.34 -6.17 -12.85
C THR A 124 -1.74 -5.94 -13.38
N LEU A 125 -2.73 -5.87 -12.48
CA LEU A 125 -4.11 -5.64 -12.93
C LEU A 125 -4.25 -4.28 -13.59
N LEU A 126 -3.66 -3.24 -12.99
CA LEU A 126 -3.72 -1.91 -13.59
C LEU A 126 -2.99 -1.86 -14.93
N ARG A 127 -1.83 -2.51 -15.02
CA ARG A 127 -1.08 -2.53 -16.27
C ARG A 127 -1.90 -3.20 -17.36
N GLU A 128 -2.50 -4.35 -17.06
CA GLU A 128 -3.30 -5.06 -18.06
C GLU A 128 -4.53 -4.26 -18.44
N ALA A 129 -5.19 -3.62 -17.48
CA ALA A 129 -6.35 -2.80 -17.80
C ALA A 129 -5.97 -1.63 -18.71
N LEU A 130 -4.86 -0.95 -18.41
CA LEU A 130 -4.42 0.16 -19.24
C LEU A 130 -4.07 -0.31 -20.64
N ARG A 131 -3.41 -1.45 -20.77
CA ARG A 131 -3.07 -1.96 -22.09
C ARG A 131 -4.32 -2.37 -22.86
N SER A 132 -5.28 -3.01 -22.20
CA SER A 132 -6.48 -3.49 -22.87
C SER A 132 -7.34 -2.33 -23.35
N THR A 133 -7.63 -1.38 -22.45
CA THR A 133 -8.48 -0.25 -22.85
C THR A 133 -7.75 0.72 -23.76
N GLY A 134 -6.43 0.64 -23.85
CA GLY A 134 -5.68 1.53 -24.71
C GLY A 134 -5.76 3.00 -24.30
N LYS A 135 -5.64 3.27 -23.00
CA LYS A 135 -5.74 4.64 -22.50
C LYS A 135 -4.68 4.86 -21.43
N ILE A 136 -4.59 6.10 -20.97
CA ILE A 136 -3.59 6.54 -20.01
C ILE A 136 -4.31 7.26 -18.86
N GLY A 137 -3.60 7.37 -17.74
CA GLY A 137 -4.17 8.03 -16.57
C GLY A 137 -3.54 9.36 -16.26
N ILE A 138 -4.34 10.42 -16.27
CA ILE A 138 -3.89 11.76 -15.94
C ILE A 138 -4.01 11.97 -14.44
N ALA A 139 -2.91 12.40 -13.81
CA ALA A 139 -2.80 12.46 -12.37
C ALA A 139 -2.00 13.70 -11.97
N ASN A 140 -2.06 14.03 -10.68
CA ASN A 140 -1.26 15.09 -10.08
C ASN A 140 -0.21 14.47 -9.19
N MET A 141 1.06 14.88 -9.36
CA MET A 141 2.15 14.24 -8.65
C MET A 141 3.11 15.28 -8.07
N THR A 142 3.61 14.98 -6.87
CA THR A 142 4.67 15.73 -6.22
C THR A 142 5.85 14.80 -5.95
N ILE A 143 7.06 15.25 -6.30
CA ILE A 143 8.26 14.45 -6.03
C ILE A 143 8.97 14.99 -4.80
N ARG A 144 9.45 16.24 -4.89
CA ARG A 144 10.11 16.91 -3.76
C ARG A 144 9.59 18.35 -3.71
N SER A 145 8.48 18.53 -2.99
CA SER A 145 7.86 19.83 -2.70
C SER A 145 7.32 20.54 -3.94
N LYS A 146 7.46 19.97 -5.13
CA LYS A 146 6.94 20.57 -6.35
C LYS A 146 5.48 20.11 -6.51
N GLN A 147 4.88 20.39 -7.66
CA GLN A 147 3.57 19.84 -7.99
C GLN A 147 3.40 19.94 -9.50
N GLN A 148 3.12 18.81 -10.15
CA GLN A 148 3.05 18.79 -11.60
C GLN A 148 1.99 17.81 -12.06
N LEU A 149 1.68 17.86 -13.35
CA LEU A 149 0.79 16.92 -14.00
C LEU A 149 1.60 15.73 -14.52
N ALA A 150 0.98 14.55 -14.49
CA ALA A 150 1.63 13.35 -14.97
C ALA A 150 0.61 12.49 -15.70
N ILE A 151 1.13 11.62 -16.57
CA ILE A 151 0.33 10.60 -17.24
C ILE A 151 0.99 9.25 -17.05
N LEU A 152 0.18 8.26 -16.70
CA LEU A 152 0.63 6.89 -16.54
C LEU A 152 0.21 6.09 -17.77
N ARG A 153 1.18 5.45 -18.41
CA ARG A 153 0.96 4.63 -19.59
C ARG A 153 1.72 3.32 -19.40
N VAL A 154 1.65 2.45 -20.42
CA VAL A 154 2.29 1.14 -20.37
C VAL A 154 3.33 1.07 -21.47
N TYR A 155 4.56 0.70 -21.10
CA TYR A 155 5.66 0.49 -22.04
C TYR A 155 6.24 -0.89 -21.77
N GLU A 156 6.11 -1.79 -22.74
CA GLU A 156 6.57 -3.18 -22.64
C GLU A 156 5.89 -3.80 -21.43
N ASN A 157 6.61 -4.35 -20.46
CA ASN A 157 6.02 -4.95 -19.27
C ASN A 157 5.97 -3.98 -18.10
N CYS A 158 6.32 -2.72 -18.30
CA CYS A 158 6.40 -1.75 -17.23
C CYS A 158 5.34 -0.67 -17.38
N ILE A 159 5.07 0.02 -16.28
CA ILE A 159 4.25 1.22 -16.29
C ILE A 159 5.18 2.42 -16.24
N VAL A 160 4.93 3.39 -17.12
CA VAL A 160 5.77 4.58 -17.24
C VAL A 160 4.95 5.79 -16.83
N MET A 161 5.47 6.55 -15.87
CA MET A 161 4.87 7.80 -15.43
C MET A 161 5.66 8.94 -16.04
N GLU A 162 5.04 9.68 -16.95
CA GLU A 162 5.66 10.82 -17.60
C GLU A 162 5.03 12.10 -17.07
N SER A 163 5.83 12.94 -16.42
CA SER A 163 5.38 14.29 -16.14
C SER A 163 5.14 15.01 -17.46
N ILE A 164 4.14 15.90 -17.47
CA ILE A 164 3.76 16.59 -18.69
C ILE A 164 3.68 18.09 -18.43
N HIS A 165 3.87 18.85 -19.49
CA HIS A 165 3.68 20.29 -19.42
C HIS A 165 2.20 20.60 -19.26
N TYR A 166 1.91 21.70 -18.57
CA TYR A 166 0.54 22.13 -18.44
C TYR A 166 -0.01 22.56 -19.80
N PRO A 167 -1.31 22.38 -20.03
CA PRO A 167 -1.86 22.62 -21.37
C PRO A 167 -1.65 24.03 -21.89
N ASP A 168 -1.52 25.03 -21.01
CA ASP A 168 -1.27 26.40 -21.44
C ASP A 168 0.20 26.67 -21.73
N GLU A 169 1.10 25.75 -21.37
CA GLU A 169 2.50 25.86 -21.74
C GLU A 169 2.80 25.22 -23.09
N VAL A 170 1.91 24.39 -23.60
CA VAL A 170 2.11 23.72 -24.88
C VAL A 170 1.46 24.55 -25.98
N ARG A 171 2.24 24.86 -27.01
CA ARG A 171 1.74 25.70 -28.09
C ARG A 171 0.91 24.88 -29.08
N SER A 172 0.28 25.58 -30.01
CA SER A 172 -0.65 24.98 -30.95
C SER A 172 0.04 24.70 -32.27
N ALA A 173 -0.18 23.50 -32.81
CA ALA A 173 0.37 23.15 -34.12
C ALA A 173 -0.38 23.82 -35.27
N ALA A 174 -1.55 24.38 -35.02
CA ALA A 174 -2.31 25.09 -36.03
C ALA A 174 -1.88 26.54 -36.20
N GLN A 175 -1.05 27.06 -35.28
CA GLN A 175 -0.55 28.42 -35.36
C GLN A 175 0.85 28.50 -35.93
N VAL A 176 1.38 27.39 -36.43
CA VAL A 176 2.73 27.39 -37.02
C VAL A 176 2.69 28.12 -38.35
N PRO A 177 3.54 29.13 -38.57
CA PRO A 177 3.47 29.91 -39.81
C PRO A 177 3.86 29.07 -41.02
N GLY A 178 3.03 29.14 -42.06
CA GLY A 178 3.36 28.56 -43.35
C GLY A 178 3.03 27.10 -43.55
N VAL A 179 2.52 26.41 -42.52
CA VAL A 179 2.25 24.98 -42.65
C VAL A 179 1.05 24.77 -43.57
N PRO A 180 1.18 23.96 -44.62
CA PRO A 180 0.05 23.74 -45.53
C PRO A 180 -1.08 22.99 -44.85
N ASP A 181 -2.29 23.22 -45.36
CA ASP A 181 -3.48 22.55 -44.87
C ASP A 181 -4.26 21.85 -45.98
N GLN A 182 -3.76 21.85 -47.21
CA GLN A 182 -4.46 21.25 -48.34
C GLN A 182 -3.81 19.93 -48.71
N SER A 183 -4.62 18.88 -48.81
CA SER A 183 -4.14 17.56 -49.21
C SER A 183 -4.23 17.37 -50.72
N ASN A 184 -3.50 18.24 -51.42
CA ASN A 184 -3.46 18.22 -52.88
C ASN A 184 -2.16 17.59 -53.41
N VAL A 185 -1.65 16.59 -52.70
CA VAL A 185 -0.40 15.95 -53.12
C VAL A 185 -0.64 15.10 -54.37
N ASN A 186 0.37 15.06 -55.23
CA ASN A 186 0.30 14.28 -56.46
C ASN A 186 0.69 12.83 -56.17
N ASP A 187 -0.04 11.90 -56.80
CA ASP A 187 0.18 10.48 -56.53
C ASP A 187 1.57 10.03 -56.99
N LYS A 188 2.04 10.53 -58.13
CA LYS A 188 3.34 10.11 -58.64
C LYS A 188 4.47 10.62 -57.75
N GLU A 189 4.43 11.90 -57.36
CA GLU A 189 5.44 12.44 -56.48
C GLU A 189 5.39 11.76 -55.11
N LEU A 190 4.18 11.49 -54.61
CA LEU A 190 4.05 10.79 -53.33
C LEU A 190 4.64 9.39 -53.41
N GLN A 191 4.39 8.68 -54.51
CA GLN A 191 4.94 7.34 -54.66
C GLN A 191 6.46 7.38 -54.75
N THR A 192 7.01 8.36 -55.46
CA THR A 192 8.47 8.51 -55.52
C THR A 192 9.04 8.78 -54.13
N ALA A 193 8.38 9.65 -53.36
CA ALA A 193 8.85 9.94 -52.00
C ALA A 193 8.78 8.70 -51.12
N ILE A 194 7.71 7.92 -51.25
CA ILE A 194 7.58 6.69 -50.46
C ILE A 194 8.67 5.70 -50.83
N THR A 195 8.96 5.57 -52.13
CA THR A 195 10.03 4.67 -52.57
C THR A 195 11.37 5.12 -52.01
N LEU A 196 11.65 6.43 -52.04
CA LEU A 196 12.90 6.93 -51.50
C LEU A 196 12.99 6.67 -50.00
N ILE A 197 11.89 6.90 -49.28
CA ILE A 197 11.89 6.66 -47.84
C ILE A 197 12.12 5.18 -47.54
N ASP A 198 11.49 4.29 -48.31
CA ASP A 198 11.69 2.86 -48.10
C ASP A 198 13.13 2.46 -48.42
N GLU A 199 13.74 3.11 -49.42
CA GLU A 199 15.15 2.87 -49.70
C GLU A 199 16.02 3.29 -48.53
N LEU A 200 15.70 4.42 -47.90
CA LEU A 200 16.46 4.89 -46.74
C LEU A 200 16.05 4.18 -45.44
N THR A 201 15.01 3.37 -45.47
CA THR A 201 14.52 2.73 -44.25
C THR A 201 15.44 1.63 -43.79
N ALA A 202 15.70 1.59 -42.48
CA ALA A 202 16.46 0.53 -41.85
C ALA A 202 15.77 0.16 -40.54
N LYS A 203 16.42 -0.68 -39.74
CA LYS A 203 15.95 -0.99 -38.41
C LYS A 203 16.56 -0.04 -37.39
N PHE A 204 15.98 -0.01 -36.20
CA PHE A 204 16.48 0.83 -35.12
C PHE A 204 17.52 0.04 -34.33
N GLU A 205 18.79 0.38 -34.52
CA GLU A 205 19.88 -0.21 -33.76
C GLU A 205 20.40 0.83 -32.78
N PRO A 206 20.08 0.71 -31.49
CA PRO A 206 20.54 1.72 -30.53
C PRO A 206 22.05 1.81 -30.42
N GLU A 207 22.77 0.72 -30.72
CA GLU A 207 24.22 0.74 -30.67
C GLU A 207 24.84 1.47 -31.85
N LYS A 208 24.05 1.81 -32.88
CA LYS A 208 24.58 2.51 -34.04
C LYS A 208 24.84 3.98 -33.76
N TYR A 209 24.06 4.59 -32.88
CA TYR A 209 24.17 6.03 -32.58
C TYR A 209 24.90 6.20 -31.25
N GLU A 210 25.98 6.97 -31.26
CA GLU A 210 26.76 7.24 -30.07
C GLU A 210 27.09 8.72 -30.01
N ASP A 211 27.33 9.21 -28.79
CA ASP A 211 27.74 10.59 -28.59
C ASP A 211 29.19 10.75 -29.02
N THR A 212 29.39 11.19 -30.27
CA THR A 212 30.73 11.32 -30.80
C THR A 212 31.55 12.37 -30.05
N TYR A 213 30.92 13.49 -29.69
CA TYR A 213 31.63 14.53 -28.96
C TYR A 213 32.09 14.04 -27.60
N ARG A 214 31.26 13.28 -26.90
CA ARG A 214 31.63 12.75 -25.59
C ARG A 214 32.84 11.81 -25.71
N GLN A 215 32.81 10.91 -26.69
CA GLN A 215 33.92 9.99 -26.88
C GLN A 215 35.19 10.72 -27.27
N ALA A 216 35.08 11.73 -28.13
CA ALA A 216 36.24 12.51 -28.53
C ALA A 216 36.84 13.25 -27.34
N LEU A 217 36.00 13.86 -26.51
CA LEU A 217 36.49 14.56 -25.33
C LEU A 217 37.14 13.59 -24.34
N LEU A 218 36.55 12.40 -24.16
CA LEU A 218 37.15 11.42 -23.27
C LEU A 218 38.50 10.95 -23.80
N GLN A 219 38.61 10.75 -25.11
CA GLN A 219 39.89 10.37 -25.69
C GLN A 219 40.93 11.48 -25.52
N ARG A 220 40.52 12.74 -25.68
CA ARG A 220 41.44 13.85 -25.46
C ARG A 220 41.90 13.89 -24.01
N VAL A 221 40.98 13.68 -23.07
CA VAL A 221 41.35 13.67 -21.66
C VAL A 221 42.32 12.54 -21.36
N ASN A 222 42.07 11.35 -21.93
CA ASN A 222 42.98 10.22 -21.71
C ASN A 222 44.37 10.51 -22.30
N ASP A 223 44.41 11.10 -23.50
CA ASP A 223 45.69 11.42 -24.11
C ASP A 223 46.46 12.44 -23.29
N LYS A 224 45.77 13.47 -22.79
CA LYS A 224 46.44 14.47 -21.95
C LYS A 224 46.87 13.88 -20.61
N LEU A 225 46.13 12.91 -20.10
CA LEU A 225 46.50 12.29 -18.83
C LEU A 225 47.73 11.39 -18.98
N GLU A 226 47.76 10.58 -20.04
CA GLU A 226 48.92 9.71 -20.26
C GLU A 226 50.17 10.52 -20.58
N ASN A 227 50.04 11.55 -21.41
CA ASN A 227 51.18 12.38 -21.78
C ASN A 227 51.53 13.35 -20.66
N MET B 1 5.67 30.69 -32.86
CA MET B 1 5.36 31.82 -33.72
C MET B 1 6.63 32.54 -34.16
N HIS B 2 7.61 32.60 -33.25
CA HIS B 2 8.89 33.24 -33.51
C HIS B 2 9.90 32.19 -33.94
N THR B 3 10.52 32.41 -35.10
CA THR B 3 11.51 31.47 -35.61
C THR B 3 12.77 31.54 -34.76
N MET B 4 13.27 30.37 -34.36
CA MET B 4 14.50 30.27 -33.58
C MET B 4 15.61 29.52 -34.29
N TRP B 5 15.33 28.93 -35.45
CA TRP B 5 16.31 28.18 -36.23
C TRP B 5 15.84 28.13 -37.66
N LYS B 6 16.76 28.30 -38.61
CA LYS B 6 16.41 28.33 -40.02
C LYS B 6 17.46 27.54 -40.80
N GLY B 7 17.07 26.40 -41.34
CA GLY B 7 18.02 25.53 -42.05
C GLY B 7 17.31 24.69 -43.07
N SER B 8 17.70 23.43 -43.19
CA SER B 8 17.07 22.53 -44.13
C SER B 8 17.20 21.10 -43.65
N ILE B 9 16.14 20.31 -43.87
CA ILE B 9 16.21 18.87 -43.67
C ILE B 9 16.86 18.27 -44.91
N SER B 10 17.96 17.54 -44.70
CA SER B 10 18.78 17.08 -45.81
C SER B 10 19.05 15.59 -45.70
N PHE B 11 18.83 14.87 -46.80
CA PHE B 11 19.30 13.50 -46.94
C PHE B 11 19.48 13.21 -48.43
N GLY B 12 20.69 12.85 -48.82
CA GLY B 12 20.98 12.61 -50.22
C GLY B 12 20.74 13.85 -51.05
N LEU B 13 19.98 13.68 -52.13
CA LEU B 13 19.61 14.80 -53.00
C LEU B 13 18.46 15.62 -52.43
N VAL B 14 17.79 15.14 -51.39
CA VAL B 14 16.64 15.83 -50.84
C VAL B 14 17.12 16.91 -49.87
N ASN B 15 16.66 18.15 -50.09
CA ASN B 15 17.05 19.28 -49.26
C ASN B 15 15.83 20.21 -49.16
N ILE B 16 15.15 20.17 -48.02
CA ILE B 16 13.90 20.88 -47.81
C ILE B 16 14.18 22.04 -46.85
N PRO B 17 14.09 23.30 -47.30
CA PRO B 17 14.31 24.42 -46.36
C PRO B 17 13.20 24.47 -45.32
N ILE B 18 13.60 24.59 -44.05
CA ILE B 18 12.68 24.54 -42.93
C ILE B 18 13.05 25.57 -41.87
N LYS B 19 12.07 25.88 -41.02
CA LYS B 19 12.24 26.74 -39.86
C LYS B 19 11.74 25.98 -38.63
N LEU B 20 12.41 26.21 -37.50
CA LEU B 20 12.10 25.55 -36.24
C LEU B 20 11.46 26.54 -35.28
N TYR B 21 10.38 26.12 -34.63
CA TYR B 21 9.73 26.90 -33.59
C TYR B 21 9.63 26.07 -32.33
N ALA B 22 9.80 26.70 -31.18
CA ALA B 22 9.67 25.98 -29.92
C ALA B 22 8.22 25.54 -29.73
N ALA B 23 8.03 24.26 -29.43
CA ALA B 23 6.69 23.71 -29.26
C ALA B 23 6.16 23.88 -27.85
N THR B 24 7.01 24.25 -26.89
CA THR B 24 6.60 24.45 -25.51
C THR B 24 7.31 25.67 -24.95
N GLU B 25 6.68 26.31 -23.97
CA GLU B 25 7.27 27.42 -23.25
C GLU B 25 7.20 27.15 -21.75
N ASP B 26 8.20 27.66 -21.03
CA ASP B 26 8.27 27.48 -19.58
C ASP B 26 7.59 28.67 -18.92
N LYS B 27 6.41 28.43 -18.35
CA LYS B 27 5.66 29.47 -17.66
C LYS B 27 5.80 29.38 -16.14
N ASP B 28 6.75 28.59 -15.64
CA ASP B 28 6.94 28.47 -14.21
C ASP B 28 7.37 29.80 -13.61
N ILE B 29 7.01 30.00 -12.34
CA ILE B 29 7.29 31.26 -11.67
C ILE B 29 8.76 31.29 -11.29
N LYS B 30 9.44 32.37 -11.65
CA LYS B 30 10.85 32.55 -11.35
C LYS B 30 11.02 33.73 -10.40
N LEU B 31 11.78 33.51 -9.33
CA LEU B 31 11.99 34.53 -8.30
C LEU B 31 13.43 35.02 -8.34
N ARG B 32 13.61 36.31 -8.07
CA ARG B 32 14.92 36.95 -8.09
C ARG B 32 15.41 37.15 -6.67
N SER B 33 16.63 36.70 -6.39
CA SER B 33 17.23 36.91 -5.08
C SER B 33 17.55 38.38 -4.87
N LEU B 34 17.23 38.89 -3.69
CA LEU B 34 17.40 40.30 -3.37
C LEU B 34 18.01 40.45 -2.00
N HIS B 35 18.72 41.57 -1.81
CA HIS B 35 19.23 41.92 -0.49
C HIS B 35 18.08 42.32 0.42
N LYS B 36 18.17 41.93 1.70
CA LYS B 36 17.11 42.29 2.63
C LYS B 36 17.18 43.77 3.02
N GLU B 37 18.38 44.35 3.04
CA GLU B 37 18.53 45.72 3.50
C GLU B 37 17.95 46.72 2.50
N ASP B 38 18.27 46.55 1.22
CA ASP B 38 17.91 47.53 0.21
C ASP B 38 17.04 46.98 -0.91
N HIS B 39 16.71 45.69 -0.88
CA HIS B 39 15.83 45.06 -1.86
C HIS B 39 16.37 45.19 -3.29
N ALA B 40 17.71 45.15 -3.41
CA ALA B 40 18.33 45.17 -4.72
C ALA B 40 18.74 43.77 -5.14
N PRO B 41 18.69 43.46 -6.43
CA PRO B 41 19.10 42.12 -6.88
C PRO B 41 20.56 41.86 -6.59
N ILE B 42 20.89 40.58 -6.38
CA ILE B 42 22.26 40.18 -6.08
C ILE B 42 22.90 39.65 -7.35
N LYS B 43 24.23 39.57 -7.33
CA LYS B 43 25.00 39.07 -8.46
C LYS B 43 26.07 38.11 -7.95
N TYR B 44 26.49 37.20 -8.83
CA TYR B 44 27.46 36.17 -8.48
C TYR B 44 28.85 36.60 -8.90
N GLU B 45 29.80 36.52 -7.97
CA GLU B 45 31.21 36.76 -8.25
C GLU B 45 31.98 35.45 -8.16
N LYS B 46 32.79 35.18 -9.17
CA LYS B 46 33.59 33.96 -9.22
C LYS B 46 34.92 34.20 -8.53
N VAL B 47 35.17 33.47 -7.43
CA VAL B 47 36.41 33.56 -6.69
C VAL B 47 37.00 32.17 -6.55
N CYS B 48 38.31 32.12 -6.33
CA CYS B 48 39.03 30.86 -6.20
C CYS B 48 38.89 30.32 -4.78
N THR B 49 38.60 29.02 -4.67
CA THR B 49 38.41 28.41 -3.36
C THR B 49 39.71 28.20 -2.61
N ASN B 50 40.84 28.07 -3.32
CA ASN B 50 42.12 27.91 -2.64
C ASN B 50 42.57 29.22 -1.99
N CYS B 51 42.45 30.32 -2.72
CA CYS B 51 42.77 31.64 -2.20
C CYS B 51 41.75 32.62 -2.75
N GLU B 52 41.06 33.33 -1.85
CA GLU B 52 39.94 34.17 -2.24
C GLU B 52 40.42 35.38 -3.04
N LYS B 53 39.92 35.51 -4.28
CA LYS B 53 40.18 36.67 -5.11
C LYS B 53 39.20 36.63 -6.28
N THR B 54 38.67 37.79 -6.64
CA THR B 54 37.74 37.87 -7.76
C THR B 54 38.49 37.67 -9.08
N LEU B 55 37.89 36.89 -9.97
CA LEU B 55 38.50 36.54 -11.25
C LEU B 55 37.64 37.04 -12.40
N SER B 56 38.30 37.58 -13.43
CA SER B 56 37.63 37.95 -14.65
C SER B 56 37.32 36.70 -15.47
N PRO B 57 36.38 36.79 -16.42
CA PRO B 57 36.12 35.62 -17.29
C PRO B 57 37.33 35.16 -18.07
N ASP B 58 38.29 36.05 -18.33
CA ASP B 58 39.51 35.69 -19.04
C ASP B 58 40.54 35.02 -18.14
N GLU B 59 40.31 34.97 -16.84
CA GLU B 59 41.25 34.40 -15.89
C GLU B 59 40.92 32.95 -15.50
N ILE B 60 39.90 32.35 -16.10
CA ILE B 60 39.47 31.02 -15.73
C ILE B 60 39.49 30.12 -16.97
N VAL B 61 39.60 28.82 -16.72
CA VAL B 61 39.63 27.80 -17.75
C VAL B 61 38.68 26.67 -17.34
N LYS B 62 38.51 25.70 -18.24
CA LYS B 62 37.64 24.56 -18.02
C LYS B 62 38.48 23.30 -17.82
N GLY B 63 38.16 22.53 -16.78
CA GLY B 63 38.87 21.30 -16.50
C GLY B 63 37.95 20.14 -16.20
N TYR B 64 38.17 19.02 -16.85
CA TYR B 64 37.37 17.82 -16.63
C TYR B 64 37.92 17.05 -15.43
N GLU B 65 37.06 16.77 -14.46
CA GLU B 65 37.47 16.09 -13.24
C GLU B 65 37.53 14.59 -13.52
N TYR B 66 38.73 14.02 -13.57
CA TYR B 66 38.83 12.61 -13.94
C TYR B 66 38.77 11.69 -12.73
N VAL B 67 39.39 12.08 -11.61
CA VAL B 67 39.20 11.42 -10.33
C VAL B 67 38.88 12.50 -9.30
N LYS B 68 38.58 12.06 -8.08
CA LYS B 68 38.14 12.98 -7.03
C LYS B 68 39.22 14.01 -6.71
N GLY B 69 38.96 15.27 -7.07
CA GLY B 69 39.87 16.36 -6.79
C GLY B 69 40.96 16.61 -7.81
N LYS B 70 40.99 15.84 -8.91
CA LYS B 70 42.03 15.99 -9.92
C LYS B 70 41.39 16.25 -11.28
N TYR B 71 41.83 17.33 -11.93
CA TYR B 71 41.27 17.80 -13.18
C TYR B 71 42.32 17.79 -14.27
N VAL B 72 41.86 17.57 -15.50
CA VAL B 72 42.65 17.77 -16.71
C VAL B 72 42.08 19.00 -17.40
N VAL B 73 42.91 20.03 -17.57
CA VAL B 73 42.44 21.29 -18.12
C VAL B 73 42.39 21.19 -19.64
N LEU B 74 41.22 21.45 -20.21
CA LEU B 74 41.05 21.42 -21.65
C LEU B 74 41.16 22.85 -22.18
N THR B 75 42.26 23.12 -22.90
CA THR B 75 42.48 24.43 -23.47
C THR B 75 41.40 24.74 -24.52
N ASP B 76 41.07 26.03 -24.65
CA ASP B 76 40.00 26.42 -25.55
C ASP B 76 40.24 25.94 -26.98
N GLU B 77 41.51 25.82 -27.38
CA GLU B 77 41.83 25.34 -28.72
C GLU B 77 41.33 23.92 -28.94
N ASP B 78 41.69 23.00 -28.04
CA ASP B 78 41.26 21.61 -28.19
C ASP B 78 39.76 21.47 -27.95
N LEU B 79 39.19 22.32 -27.08
CA LEU B 79 37.75 22.31 -26.89
C LEU B 79 37.02 22.68 -28.18
N LYS B 80 37.51 23.72 -28.87
CA LYS B 80 36.93 24.08 -30.16
C LYS B 80 37.13 22.97 -31.19
N SER B 81 38.31 22.34 -31.19
CA SER B 81 38.58 21.26 -32.13
C SER B 81 37.61 20.10 -31.92
N LEU B 82 37.35 19.75 -30.65
CA LEU B 82 36.38 18.69 -30.36
C LEU B 82 34.97 19.12 -30.74
N LYS B 83 34.62 20.39 -30.46
CA LYS B 83 33.27 20.85 -30.75
C LYS B 83 33.00 20.92 -32.25
N GLN B 84 34.03 21.08 -33.06
CA GLN B 84 33.85 21.10 -34.51
C GLN B 84 33.32 19.76 -35.00
N GLU B 85 33.84 18.66 -34.49
CA GLU B 85 33.40 17.33 -34.90
C GLU B 85 32.88 16.54 -33.69
N LYS B 89 24.24 24.24 -41.10
CA LYS B 89 22.89 24.43 -40.59
C LYS B 89 21.90 23.53 -41.30
N ALA B 90 21.99 22.23 -41.03
CA ALA B 90 21.12 21.25 -41.65
C ALA B 90 20.78 20.14 -40.67
N VAL B 91 19.56 19.64 -40.76
CA VAL B 91 19.13 18.45 -40.04
C VAL B 91 19.40 17.28 -40.97
N GLU B 92 20.49 16.55 -40.69
CA GLU B 92 20.96 15.50 -41.60
C GLU B 92 20.29 14.18 -41.21
N ILE B 93 19.41 13.68 -42.07
CA ILE B 93 18.69 12.45 -41.79
C ILE B 93 19.60 11.26 -42.12
N VAL B 94 19.76 10.36 -41.15
CA VAL B 94 20.63 9.21 -41.31
C VAL B 94 19.87 7.98 -41.79
N ASP B 95 18.72 7.68 -41.19
CA ASP B 95 17.88 6.58 -41.65
C ASP B 95 16.47 6.79 -41.16
N PHE B 96 15.54 6.01 -41.71
CA PHE B 96 14.14 6.05 -41.35
C PHE B 96 13.75 4.76 -40.65
N VAL B 97 13.15 4.87 -39.47
CA VAL B 97 12.68 3.71 -38.73
C VAL B 97 11.17 3.83 -38.55
N GLN B 98 10.55 2.80 -37.99
CA GLN B 98 9.10 2.82 -37.78
C GLN B 98 8.74 3.74 -36.62
N LEU B 99 7.46 4.13 -36.60
CA LEU B 99 6.98 5.03 -35.55
C LEU B 99 7.09 4.39 -34.18
N GLN B 100 6.78 3.10 -34.05
CA GLN B 100 6.74 2.43 -32.77
C GLN B 100 8.10 1.91 -32.33
N GLU B 101 9.14 2.05 -33.14
CA GLU B 101 10.46 1.57 -32.76
C GLU B 101 11.15 2.45 -31.74
N ILE B 102 10.76 3.72 -31.62
CA ILE B 102 11.33 4.64 -30.65
C ILE B 102 10.24 5.07 -29.69
N ASP B 103 10.42 4.74 -28.42
CA ASP B 103 9.45 5.06 -27.38
C ASP B 103 9.55 6.54 -27.00
N PRO B 104 8.45 7.15 -26.55
CA PRO B 104 8.51 8.55 -26.09
C PRO B 104 9.42 8.76 -24.88
N ILE B 105 9.92 7.71 -24.25
CA ILE B 105 10.92 7.90 -23.19
C ILE B 105 12.23 8.39 -23.75
N TYR B 106 12.46 8.23 -25.06
CA TYR B 106 13.64 8.79 -25.70
C TYR B 106 13.52 10.30 -25.89
N PHE B 107 12.30 10.80 -26.09
CA PHE B 107 12.11 12.19 -26.47
C PHE B 107 12.55 13.13 -25.36
N ASN B 108 13.24 14.21 -25.74
CA ASN B 108 13.70 15.22 -24.80
C ASN B 108 13.06 16.58 -25.06
N ARG B 109 13.18 17.12 -26.26
CA ARG B 109 12.65 18.44 -26.58
C ARG B 109 11.87 18.41 -27.87
N SER B 110 10.83 19.23 -27.93
CA SER B 110 9.89 19.23 -29.06
C SER B 110 9.97 20.55 -29.81
N TYR B 111 9.89 20.48 -31.14
CA TYR B 111 9.89 21.65 -31.99
C TYR B 111 8.93 21.44 -33.15
N PHE B 112 8.21 22.49 -33.50
CA PHE B 112 7.40 22.50 -34.72
C PHE B 112 8.29 22.88 -35.91
N VAL B 113 8.03 22.25 -37.05
CA VAL B 113 8.79 22.50 -38.27
C VAL B 113 7.86 23.15 -39.27
N GLY B 114 8.23 24.33 -39.75
CA GLY B 114 7.47 25.03 -40.75
C GLY B 114 8.23 25.15 -42.04
N PRO B 115 7.52 25.22 -43.16
CA PRO B 115 8.21 25.36 -44.45
C PRO B 115 9.00 26.65 -44.53
N GLY B 116 10.16 26.59 -45.18
CA GLY B 116 10.99 27.75 -45.41
C GLY B 116 10.61 28.45 -46.69
N ASP B 117 11.42 29.43 -47.08
CA ASP B 117 11.21 30.14 -48.33
C ASP B 117 11.41 29.19 -49.50
N ASN B 118 10.37 29.06 -50.34
CA ASN B 118 10.39 28.15 -51.48
C ASN B 118 10.72 26.71 -51.07
N GLY B 119 10.01 26.23 -50.04
CA GLY B 119 10.22 24.89 -49.55
C GLY B 119 8.94 24.20 -49.13
N THR B 120 7.81 24.58 -49.73
CA THR B 120 6.50 24.09 -49.30
C THR B 120 6.12 22.76 -49.95
N LYS B 121 6.35 22.61 -51.26
CA LYS B 121 5.98 21.37 -51.93
C LYS B 121 6.76 20.19 -51.39
N ALA B 122 8.08 20.37 -51.20
CA ALA B 122 8.88 19.31 -50.61
C ALA B 122 8.44 19.02 -49.18
N TYR B 123 8.07 20.07 -48.44
CA TYR B 123 7.60 19.89 -47.07
C TYR B 123 6.35 19.01 -47.03
N THR B 124 5.36 19.32 -47.86
CA THR B 124 4.13 18.53 -47.83
C THR B 124 4.36 17.12 -48.40
N LEU B 125 5.27 16.98 -49.37
CA LEU B 125 5.63 15.65 -49.86
C LEU B 125 6.21 14.80 -48.74
N LEU B 126 7.17 15.37 -47.99
CA LEU B 126 7.78 14.62 -46.89
C LEU B 126 6.76 14.31 -45.80
N ARG B 127 5.89 15.26 -45.48
CA ARG B 127 4.87 15.03 -44.46
C ARG B 127 3.94 13.90 -44.86
N GLU B 128 3.47 13.92 -46.11
CA GLU B 128 2.57 12.87 -46.57
C GLU B 128 3.27 11.51 -46.63
N ALA B 129 4.53 11.49 -47.08
CA ALA B 129 5.27 10.23 -47.11
C ALA B 129 5.45 9.66 -45.70
N LEU B 130 5.82 10.52 -44.74
CA LEU B 130 6.00 10.05 -43.37
C LEU B 130 4.68 9.55 -42.78
N ARG B 131 3.58 10.25 -43.05
CA ARG B 131 2.29 9.81 -42.53
C ARG B 131 1.85 8.49 -43.15
N SER B 132 2.04 8.34 -44.47
CA SER B 132 1.58 7.13 -45.14
C SER B 132 2.41 5.92 -44.74
N THR B 133 3.74 6.05 -44.77
CA THR B 133 4.61 4.93 -44.43
C THR B 133 4.62 4.63 -42.95
N GLY B 134 4.12 5.52 -42.10
CA GLY B 134 4.16 5.32 -40.67
C GLY B 134 5.56 5.26 -40.11
N LYS B 135 6.45 6.15 -40.57
CA LYS B 135 7.84 6.12 -40.19
C LYS B 135 8.25 7.45 -39.58
N ILE B 136 9.38 7.44 -38.89
CA ILE B 136 10.00 8.63 -38.31
C ILE B 136 11.44 8.70 -38.78
N GLY B 137 11.90 9.90 -39.08
CA GLY B 137 13.26 10.07 -39.57
C GLY B 137 14.26 10.40 -38.49
N ILE B 138 15.22 9.50 -38.26
CA ILE B 138 16.30 9.77 -37.33
C ILE B 138 17.33 10.68 -37.99
N ALA B 139 17.87 11.62 -37.23
CA ALA B 139 18.72 12.64 -37.82
C ALA B 139 19.68 13.19 -36.77
N ASN B 140 20.71 13.86 -37.26
CA ASN B 140 21.66 14.60 -36.45
C ASN B 140 21.51 16.09 -36.74
N MET B 141 21.56 16.91 -35.69
CA MET B 141 21.43 18.34 -35.92
C MET B 141 22.03 19.12 -34.76
N THR B 142 22.32 20.38 -35.02
CA THR B 142 22.88 21.30 -34.02
C THR B 142 21.99 22.53 -33.95
N ILE B 143 21.53 22.86 -32.74
CA ILE B 143 20.76 24.08 -32.54
C ILE B 143 21.69 25.28 -32.37
N ARG B 144 22.52 25.25 -31.34
CA ARG B 144 23.50 26.31 -31.09
C ARG B 144 24.73 25.68 -30.45
N SER B 145 25.70 25.29 -31.29
CA SER B 145 26.99 24.78 -30.84
C SER B 145 26.84 23.58 -29.91
N LYS B 146 25.85 22.72 -30.19
CA LYS B 146 25.71 21.47 -29.44
C LYS B 146 25.04 20.46 -30.35
N GLN B 147 25.85 19.60 -30.97
CA GLN B 147 25.34 18.55 -31.83
C GLN B 147 24.59 17.50 -31.02
N GLN B 148 23.45 17.04 -31.55
CA GLN B 148 22.64 16.06 -30.85
C GLN B 148 21.81 15.27 -31.87
N LEU B 149 21.08 14.29 -31.34
CA LEU B 149 20.27 13.38 -32.13
C LEU B 149 18.80 13.77 -32.02
N ALA B 150 18.07 13.62 -33.12
CA ALA B 150 16.67 14.01 -33.17
C ALA B 150 15.90 13.04 -34.04
N ILE B 151 14.58 13.10 -33.94
CA ILE B 151 13.67 12.37 -34.80
C ILE B 151 12.66 13.35 -35.38
N LEU B 152 12.13 13.00 -36.55
CA LEU B 152 11.12 13.80 -37.23
C LEU B 152 9.89 12.93 -37.44
N ARG B 153 8.75 13.40 -36.93
CA ARG B 153 7.48 12.69 -37.04
C ARG B 153 6.41 13.67 -37.51
N VAL B 154 5.18 13.19 -37.66
CA VAL B 154 4.05 13.99 -38.11
C VAL B 154 3.02 14.05 -37.00
N TYR B 155 2.63 15.25 -36.61
CA TYR B 155 1.59 15.48 -35.62
C TYR B 155 0.58 16.44 -36.22
N GLU B 156 -0.68 16.02 -36.29
CA GLU B 156 -1.76 16.77 -36.94
C GLU B 156 -1.32 17.03 -38.38
N ASN B 157 -1.30 18.28 -38.85
CA ASN B 157 -0.84 18.60 -40.19
C ASN B 157 0.57 19.19 -40.19
N CYS B 158 1.28 19.07 -39.08
CA CYS B 158 2.61 19.64 -38.93
C CYS B 158 3.65 18.53 -38.77
N ILE B 159 4.90 18.90 -39.02
CA ILE B 159 6.05 18.04 -38.74
C ILE B 159 6.63 18.45 -37.40
N VAL B 160 6.93 17.48 -36.55
CA VAL B 160 7.47 17.72 -35.22
C VAL B 160 8.84 17.06 -35.14
N MET B 161 9.84 17.87 -34.78
CA MET B 161 11.19 17.38 -34.55
C MET B 161 11.41 17.28 -33.05
N GLU B 162 11.67 16.07 -32.57
CA GLU B 162 11.95 15.82 -31.17
C GLU B 162 13.43 15.48 -31.03
N SER B 163 14.19 16.39 -30.43
CA SER B 163 15.53 16.05 -30.02
C SER B 163 15.45 15.03 -28.89
N ILE B 164 16.20 13.94 -29.02
CA ILE B 164 16.05 12.78 -28.16
C ILE B 164 17.35 12.49 -27.44
N HIS B 165 17.25 11.73 -26.35
CA HIS B 165 18.42 11.27 -25.62
C HIS B 165 19.15 10.20 -26.43
N TYR B 166 20.44 10.09 -26.20
CA TYR B 166 21.21 9.02 -26.83
C TYR B 166 20.81 7.67 -26.21
N PRO B 167 20.94 6.59 -26.97
CA PRO B 167 20.49 5.28 -26.46
C PRO B 167 21.18 4.85 -25.18
N ASP B 168 22.45 5.24 -24.98
CA ASP B 168 23.14 4.91 -23.75
C ASP B 168 22.65 5.71 -22.55
N GLU B 169 21.87 6.77 -22.77
CA GLU B 169 21.32 7.58 -21.71
C GLU B 169 19.94 7.13 -21.25
N VAL B 170 19.40 6.06 -21.83
CA VAL B 170 18.06 5.58 -21.51
C VAL B 170 18.17 4.23 -20.82
N ARG B 171 17.56 4.11 -19.65
CA ARG B 171 17.59 2.86 -18.91
C ARG B 171 16.69 1.83 -19.57
N SER B 172 16.82 0.58 -19.11
CA SER B 172 16.08 -0.54 -19.68
C SER B 172 14.88 -0.88 -18.81
N ALA B 173 13.72 -1.06 -19.45
CA ALA B 173 12.52 -1.42 -18.72
C ALA B 173 12.60 -2.83 -18.13
N ALA B 174 13.48 -3.69 -18.65
CA ALA B 174 13.62 -5.02 -18.10
C ALA B 174 14.39 -5.01 -16.79
N GLN B 175 15.15 -3.94 -16.52
CA GLN B 175 15.94 -3.85 -15.31
C GLN B 175 15.19 -3.22 -14.14
N VAL B 176 13.92 -2.88 -14.33
CA VAL B 176 13.14 -2.28 -13.24
C VAL B 176 12.87 -3.34 -12.18
N PRO B 177 13.24 -3.10 -10.92
CA PRO B 177 13.10 -4.15 -9.90
C PRO B 177 11.64 -4.47 -9.61
N GLY B 178 11.36 -5.76 -9.47
CA GLY B 178 10.08 -6.23 -9.00
C GLY B 178 8.97 -6.29 -10.02
N VAL B 179 9.23 -5.90 -11.28
CA VAL B 179 8.19 -5.88 -12.30
C VAL B 179 7.84 -7.31 -12.69
N PRO B 180 6.57 -7.71 -12.56
CA PRO B 180 6.19 -9.10 -12.86
C PRO B 180 6.10 -9.39 -14.36
N ASP B 181 5.65 -10.58 -14.70
CA ASP B 181 5.45 -10.99 -16.09
C ASP B 181 3.96 -10.99 -16.42
N GLN B 182 3.67 -11.15 -17.71
CA GLN B 182 2.30 -11.11 -18.23
C GLN B 182 1.76 -12.53 -18.37
N SER B 183 1.53 -13.18 -17.23
CA SER B 183 1.09 -14.57 -17.25
C SER B 183 0.00 -14.93 -16.25
N ASN B 184 -0.29 -14.12 -15.23
CA ASN B 184 -1.07 -14.55 -14.09
C ASN B 184 -2.17 -13.54 -13.74
N VAL B 185 -2.96 -13.15 -14.72
CA VAL B 185 -4.04 -12.19 -14.52
C VAL B 185 -5.38 -12.91 -14.63
N ASN B 186 -6.20 -12.78 -13.59
CA ASN B 186 -7.54 -13.37 -13.61
C ASN B 186 -8.45 -12.61 -14.56
N ASP B 187 -9.36 -13.34 -15.21
CA ASP B 187 -10.26 -12.72 -16.18
C ASP B 187 -11.32 -11.87 -15.49
N LYS B 188 -11.93 -12.37 -14.42
CA LYS B 188 -12.96 -11.63 -13.72
C LYS B 188 -12.39 -10.35 -13.09
N GLU B 189 -11.22 -10.46 -12.46
CA GLU B 189 -10.59 -9.28 -11.88
C GLU B 189 -10.20 -8.28 -12.95
N LEU B 190 -9.72 -8.77 -14.09
CA LEU B 190 -9.38 -7.88 -15.20
C LEU B 190 -10.61 -7.15 -15.72
N GLN B 191 -11.74 -7.86 -15.83
CA GLN B 191 -12.97 -7.22 -16.28
C GLN B 191 -13.45 -6.19 -15.29
N THR B 192 -13.35 -6.49 -13.98
CA THR B 192 -13.73 -5.51 -12.97
C THR B 192 -12.84 -4.27 -13.05
N ALA B 193 -11.54 -4.46 -13.22
CA ALA B 193 -10.63 -3.33 -13.36
C ALA B 193 -10.93 -2.52 -14.61
N ILE B 194 -11.24 -3.19 -15.72
CA ILE B 194 -11.55 -2.49 -16.95
C ILE B 194 -12.84 -1.69 -16.80
N THR B 195 -13.84 -2.26 -16.13
CA THR B 195 -15.07 -1.51 -15.86
C THR B 195 -14.80 -0.29 -15.00
N LEU B 196 -13.95 -0.45 -13.97
CA LEU B 196 -13.58 0.70 -13.14
C LEU B 196 -12.94 1.79 -13.98
N ILE B 197 -11.95 1.42 -14.80
CA ILE B 197 -11.24 2.40 -15.62
C ILE B 197 -12.20 3.09 -16.57
N ASP B 198 -13.11 2.33 -17.19
CA ASP B 198 -14.08 2.91 -18.10
C ASP B 198 -15.04 3.86 -17.39
N GLU B 199 -15.35 3.60 -16.12
CA GLU B 199 -16.21 4.50 -15.37
C GLU B 199 -15.56 5.86 -15.19
N LEU B 200 -14.26 5.89 -14.87
CA LEU B 200 -13.56 7.15 -14.70
C LEU B 200 -13.06 7.74 -16.02
N THR B 201 -13.27 7.07 -17.14
CA THR B 201 -12.82 7.59 -18.43
C THR B 201 -13.58 8.85 -18.80
N ALA B 202 -12.85 9.87 -19.23
CA ALA B 202 -13.43 11.13 -19.66
C ALA B 202 -12.60 11.71 -20.79
N LYS B 203 -13.22 12.61 -21.56
CA LYS B 203 -12.52 13.27 -22.66
C LYS B 203 -11.47 14.23 -22.11
N PHE B 204 -10.37 14.36 -22.87
CA PHE B 204 -9.29 15.25 -22.47
C PHE B 204 -9.73 16.70 -22.61
N GLU B 205 -9.75 17.42 -21.49
CA GLU B 205 -10.14 18.83 -21.47
C GLU B 205 -8.94 19.65 -21.04
N PRO B 206 -8.20 20.26 -21.97
CA PRO B 206 -7.00 21.02 -21.58
C PRO B 206 -7.27 22.16 -20.62
N GLU B 207 -8.46 22.75 -20.66
CA GLU B 207 -8.78 23.85 -19.76
C GLU B 207 -9.06 23.39 -18.34
N LYS B 208 -9.31 22.09 -18.14
CA LYS B 208 -9.59 21.59 -16.79
C LYS B 208 -8.35 21.64 -15.90
N TYR B 209 -7.18 21.42 -16.46
CA TYR B 209 -5.95 21.31 -15.68
C TYR B 209 -5.17 22.61 -15.77
N GLU B 210 -4.84 23.19 -14.61
CA GLU B 210 -4.11 24.44 -14.55
C GLU B 210 -3.08 24.37 -13.43
N ASP B 211 -2.05 25.20 -13.55
CA ASP B 211 -0.99 25.28 -12.54
C ASP B 211 -1.54 26.03 -11.33
N THR B 212 -2.00 25.27 -10.33
CA THR B 212 -2.62 25.90 -9.16
C THR B 212 -1.62 26.77 -8.40
N TYR B 213 -0.38 26.30 -8.27
CA TYR B 213 0.62 27.06 -7.51
C TYR B 213 0.92 28.39 -8.19
N ARG B 214 1.05 28.39 -9.52
CA ARG B 214 1.35 29.63 -10.23
C ARG B 214 0.23 30.65 -10.09
N GLN B 215 -1.02 30.21 -10.24
CA GLN B 215 -2.16 31.12 -10.05
C GLN B 215 -2.23 31.63 -8.62
N ALA B 216 -1.97 30.76 -7.64
CA ALA B 216 -1.97 31.20 -6.25
C ALA B 216 -0.90 32.25 -6.00
N LEU B 217 0.31 32.03 -6.53
CA LEU B 217 1.39 32.99 -6.36
C LEU B 217 1.06 34.31 -7.03
N LEU B 218 0.48 34.26 -8.23
CA LEU B 218 0.12 35.49 -8.92
C LEU B 218 -0.96 36.26 -8.17
N GLN B 219 -1.96 35.55 -7.64
CA GLN B 219 -3.00 36.21 -6.85
C GLN B 219 -2.42 36.82 -5.58
N ARG B 220 -1.50 36.11 -4.92
CA ARG B 220 -0.87 36.66 -3.73
C ARG B 220 -0.04 37.90 -4.08
N VAL B 221 0.65 37.86 -5.22
CA VAL B 221 1.43 39.02 -5.66
C VAL B 221 0.52 40.20 -5.91
N ASN B 222 -0.62 39.97 -6.56
CA ASN B 222 -1.58 41.05 -6.80
C ASN B 222 -2.12 41.62 -5.50
N ASP B 223 -2.44 40.75 -4.54
CA ASP B 223 -2.94 41.21 -3.24
C ASP B 223 -1.88 42.03 -2.51
N LYS B 224 -0.62 41.58 -2.55
CA LYS B 224 0.46 42.32 -1.91
C LYS B 224 0.68 43.66 -2.58
N LEU B 225 0.56 43.72 -3.91
CA LEU B 225 0.68 44.98 -4.62
C LEU B 225 -0.44 45.93 -4.23
N GLU B 226 -1.67 45.40 -4.07
CA GLU B 226 -2.78 46.25 -3.64
C GLU B 226 -2.55 46.79 -2.23
N ASN B 227 -2.03 45.96 -1.34
CA ASN B 227 -1.77 46.37 0.04
C ASN B 227 -0.57 47.31 0.12
N MET C 1 -1.16 1.32 20.27
CA MET C 1 -0.85 -0.07 20.60
C MET C 1 0.35 -0.56 19.80
N HIS C 2 0.65 -1.86 19.92
CA HIS C 2 1.79 -2.46 19.25
C HIS C 2 1.31 -3.16 17.99
N THR C 3 1.87 -2.75 16.84
CA THR C 3 1.53 -3.40 15.58
C THR C 3 2.04 -4.83 15.57
N MET C 4 1.18 -5.77 15.19
CA MET C 4 1.56 -7.17 15.12
C MET C 4 1.52 -7.75 13.71
N TRP C 5 1.03 -6.99 12.74
CA TRP C 5 0.97 -7.45 11.36
C TRP C 5 0.92 -6.25 10.44
N LYS C 6 1.71 -6.29 9.38
CA LYS C 6 1.75 -5.22 8.39
C LYS C 6 1.51 -5.81 7.01
N GLY C 7 0.54 -5.26 6.29
CA GLY C 7 0.18 -5.76 4.98
C GLY C 7 -0.80 -4.88 4.25
N SER C 8 -1.76 -5.49 3.54
CA SER C 8 -2.74 -4.72 2.79
C SER C 8 -4.02 -5.52 2.64
N ILE C 9 -5.12 -4.81 2.44
CA ILE C 9 -6.40 -5.43 2.11
C ILE C 9 -6.57 -5.37 0.60
N SER C 10 -6.66 -6.53 -0.03
CA SER C 10 -6.64 -6.62 -1.49
C SER C 10 -7.82 -7.43 -1.98
N PHE C 11 -8.54 -6.87 -2.96
CA PHE C 11 -9.53 -7.61 -3.74
C PHE C 11 -9.53 -7.01 -5.14
N GLY C 12 -8.90 -7.70 -6.07
CA GLY C 12 -8.80 -7.18 -7.43
C GLY C 12 -7.88 -5.98 -7.48
N LEU C 13 -8.31 -4.94 -8.20
CA LEU C 13 -7.50 -3.73 -8.32
C LEU C 13 -7.36 -2.98 -7.01
N VAL C 14 -8.28 -3.18 -6.07
CA VAL C 14 -8.28 -2.43 -4.82
C VAL C 14 -7.19 -2.97 -3.90
N ASN C 15 -6.33 -2.07 -3.42
CA ASN C 15 -5.28 -2.41 -2.47
C ASN C 15 -5.25 -1.32 -1.40
N ILE C 16 -5.24 -1.73 -0.14
CA ILE C 16 -5.28 -0.78 0.98
C ILE C 16 -4.25 -1.17 2.02
N PRO C 17 -3.11 -0.50 2.09
CA PRO C 17 -2.13 -0.81 3.13
C PRO C 17 -2.73 -0.60 4.52
N ILE C 18 -2.59 -1.61 5.38
CA ILE C 18 -3.21 -1.60 6.70
C ILE C 18 -2.23 -2.18 7.72
N LYS C 19 -2.55 -1.98 8.99
CA LYS C 19 -1.81 -2.55 10.11
C LYS C 19 -2.80 -3.21 11.06
N LEU C 20 -2.34 -4.27 11.73
CA LEU C 20 -3.17 -5.04 12.64
C LEU C 20 -2.69 -4.84 14.08
N TYR C 21 -3.64 -4.63 14.98
CA TYR C 21 -3.38 -4.54 16.41
C TYR C 21 -4.30 -5.50 17.13
N ALA C 22 -3.82 -6.09 18.23
CA ALA C 22 -4.66 -6.98 19.01
C ALA C 22 -5.74 -6.18 19.71
N ALA C 23 -6.99 -6.61 19.56
CA ALA C 23 -8.11 -5.92 20.18
C ALA C 23 -8.34 -6.35 21.63
N THR C 24 -7.73 -7.45 22.07
CA THR C 24 -7.90 -7.94 23.42
C THR C 24 -6.55 -8.41 23.97
N GLU C 25 -6.44 -8.42 25.28
CA GLU C 25 -5.27 -8.94 25.98
C GLU C 25 -5.72 -9.89 27.07
N ASP C 26 -4.87 -10.88 27.34
CA ASP C 26 -5.15 -11.87 28.39
C ASP C 26 -4.55 -11.38 29.70
N LYS C 27 -5.41 -10.91 30.60
CA LYS C 27 -4.99 -10.38 31.89
C LYS C 27 -5.12 -11.40 33.01
N ASP C 28 -5.41 -12.66 32.70
CA ASP C 28 -5.51 -13.69 33.72
C ASP C 28 -4.17 -13.92 34.37
N ILE C 29 -4.21 -14.36 35.62
CA ILE C 29 -2.99 -14.59 36.40
C ILE C 29 -2.35 -15.90 35.97
N LYS C 30 -1.06 -15.84 35.66
CA LYS C 30 -0.28 -17.02 35.27
C LYS C 30 0.64 -17.41 36.41
N LEU C 31 0.61 -18.69 36.79
CA LEU C 31 1.41 -19.20 37.89
C LEU C 31 2.48 -20.13 37.34
N ARG C 32 3.70 -19.98 37.85
CA ARG C 32 4.84 -20.76 37.42
C ARG C 32 5.08 -21.91 38.39
N SER C 33 5.22 -23.12 37.85
CA SER C 33 5.49 -24.29 38.67
C SER C 33 6.93 -24.27 39.15
N LEU C 34 7.11 -24.52 40.45
CA LEU C 34 8.43 -24.46 41.08
C LEU C 34 8.65 -25.69 41.94
N HIS C 35 9.93 -26.02 42.15
CA HIS C 35 10.29 -27.09 43.07
C HIS C 35 9.86 -26.72 44.48
N LYS C 36 9.37 -27.71 45.22
CA LYS C 36 8.84 -27.43 46.56
C LYS C 36 9.94 -26.97 47.52
N GLU C 37 11.11 -27.59 47.45
CA GLU C 37 12.17 -27.29 48.41
C GLU C 37 13.16 -26.25 47.91
N ASP C 38 13.34 -26.14 46.60
CA ASP C 38 14.29 -25.18 46.03
C ASP C 38 13.61 -23.90 45.56
N HIS C 39 12.31 -23.96 45.26
CA HIS C 39 11.56 -22.80 44.75
C HIS C 39 12.18 -22.27 43.46
N ALA C 40 12.64 -23.17 42.61
CA ALA C 40 13.20 -22.86 41.30
C ALA C 40 12.25 -23.33 40.21
N PRO C 41 12.22 -22.65 39.06
CA PRO C 41 11.30 -23.04 37.98
C PRO C 41 11.59 -24.44 37.46
N ILE C 42 10.57 -25.06 36.91
CA ILE C 42 10.67 -26.40 36.39
C ILE C 42 10.88 -26.34 34.88
N LYS C 43 11.28 -27.46 34.29
CA LYS C 43 11.61 -27.55 32.87
C LYS C 43 10.98 -28.80 32.29
N TYR C 44 10.54 -28.71 31.05
CA TYR C 44 9.93 -29.83 30.35
C TYR C 44 11.02 -30.62 29.63
N GLU C 45 11.23 -31.87 30.06
CA GLU C 45 12.21 -32.76 29.45
C GLU C 45 11.46 -33.77 28.59
N LYS C 46 11.77 -33.81 27.30
CA LYS C 46 11.10 -34.71 26.37
C LYS C 46 11.79 -36.07 26.42
N VAL C 47 11.04 -37.11 26.80
CA VAL C 47 11.57 -38.46 26.92
C VAL C 47 10.64 -39.42 26.18
N CYS C 48 11.23 -40.31 25.40
CA CYS C 48 10.43 -41.30 24.67
C CYS C 48 9.77 -42.28 25.64
N THR C 49 8.52 -42.64 25.34
CA THR C 49 7.79 -43.59 26.18
C THR C 49 8.23 -45.03 25.99
N ASN C 50 9.04 -45.31 24.97
CA ASN C 50 9.53 -46.67 24.70
C ASN C 50 11.02 -46.80 24.92
N CYS C 51 11.83 -45.94 24.29
CA CYS C 51 13.27 -45.98 24.49
C CYS C 51 13.67 -45.42 25.85
N GLU C 52 12.80 -44.62 26.47
CA GLU C 52 13.05 -44.03 27.79
C GLU C 52 14.36 -43.23 27.80
N LYS C 53 14.53 -42.41 26.78
CA LYS C 53 15.70 -41.56 26.65
C LYS C 53 15.28 -40.14 26.32
N THR C 54 16.05 -39.17 26.83
CA THR C 54 15.79 -37.78 26.53
C THR C 54 16.11 -37.48 25.07
N LEU C 55 15.22 -36.75 24.41
CA LEU C 55 15.27 -36.55 22.97
C LEU C 55 15.65 -35.11 22.64
N SER C 56 16.66 -34.96 21.78
CA SER C 56 16.97 -33.67 21.20
C SER C 56 15.85 -33.26 20.24
N PRO C 57 15.67 -31.95 20.02
CA PRO C 57 14.63 -31.52 19.06
C PRO C 57 14.87 -32.00 17.63
N ASP C 58 16.07 -32.45 17.29
CA ASP C 58 16.34 -33.03 15.98
C ASP C 58 16.09 -34.53 15.93
N GLU C 59 15.73 -35.15 17.06
CA GLU C 59 15.39 -36.57 17.11
C GLU C 59 13.88 -36.79 17.25
N ILE C 60 13.08 -35.77 16.99
CA ILE C 60 11.63 -35.82 17.17
C ILE C 60 10.97 -35.43 15.86
N VAL C 61 10.00 -36.24 15.41
CA VAL C 61 9.29 -36.01 14.18
C VAL C 61 7.79 -36.02 14.45
N LYS C 62 7.03 -35.31 13.62
CA LYS C 62 5.59 -35.22 13.79
C LYS C 62 4.88 -36.36 13.07
N GLY C 63 3.77 -36.80 13.65
CA GLY C 63 2.99 -37.87 13.07
C GLY C 63 1.51 -37.75 13.30
N TYR C 64 0.72 -37.95 12.25
CA TYR C 64 -0.73 -37.90 12.37
C TYR C 64 -1.28 -39.24 12.86
N GLU C 65 -2.22 -39.17 13.79
CA GLU C 65 -2.83 -40.36 14.38
C GLU C 65 -4.13 -40.65 13.63
N TYR C 66 -3.99 -41.35 12.50
CA TYR C 66 -5.18 -41.70 11.71
C TYR C 66 -6.09 -42.66 12.47
N VAL C 67 -5.49 -43.63 13.16
CA VAL C 67 -6.22 -44.52 14.06
C VAL C 67 -5.48 -44.54 15.39
N LYS C 68 -6.21 -44.89 16.45
CA LYS C 68 -5.65 -44.85 17.79
C LYS C 68 -4.49 -45.82 17.91
N GLY C 69 -3.32 -45.29 18.30
CA GLY C 69 -2.13 -46.11 18.49
C GLY C 69 -1.22 -46.22 17.29
N LYS C 70 -1.63 -45.75 16.12
CA LYS C 70 -0.83 -45.81 14.90
C LYS C 70 -0.68 -44.42 14.31
N TYR C 71 0.50 -44.12 13.80
CA TYR C 71 0.83 -42.79 13.31
C TYR C 71 1.49 -42.87 11.95
N VAL C 72 1.08 -41.98 11.04
CA VAL C 72 1.76 -41.76 9.78
C VAL C 72 2.67 -40.55 9.95
N VAL C 73 3.97 -40.75 9.75
CA VAL C 73 4.96 -39.71 10.02
C VAL C 73 4.92 -38.69 8.88
N LEU C 74 4.75 -37.42 9.24
CA LEU C 74 4.78 -36.32 8.29
C LEU C 74 6.11 -35.60 8.48
N THR C 75 7.03 -35.78 7.52
CA THR C 75 8.35 -35.21 7.63
C THR C 75 8.31 -33.71 7.36
N ASP C 76 9.50 -33.09 7.39
CA ASP C 76 9.59 -31.65 7.18
C ASP C 76 9.15 -31.27 5.76
N GLU C 77 9.54 -32.06 4.77
CA GLU C 77 9.19 -31.74 3.38
C GLU C 77 7.68 -31.79 3.16
N ASP C 78 7.01 -32.81 3.70
CA ASP C 78 5.57 -32.92 3.51
C ASP C 78 4.84 -31.74 4.15
N LEU C 79 5.21 -31.39 5.39
CA LEU C 79 4.56 -30.28 6.08
C LEU C 79 4.84 -28.96 5.37
N LYS C 80 6.06 -28.78 4.87
CA LYS C 80 6.40 -27.57 4.13
C LYS C 80 5.60 -27.48 2.83
N SER C 81 5.44 -28.60 2.12
CA SER C 81 4.69 -28.58 0.87
C SER C 81 3.21 -28.34 1.11
N LEU C 82 2.65 -28.92 2.16
CA LEU C 82 1.24 -28.70 2.45
C LEU C 82 0.96 -27.25 2.82
N LYS C 83 1.83 -26.65 3.62
CA LYS C 83 1.64 -25.27 4.07
C LYS C 83 2.02 -24.33 2.94
N GLN C 84 1.01 -23.77 2.27
CA GLN C 84 1.24 -22.87 1.15
C GLN C 84 1.61 -21.49 1.67
N GLU C 85 2.80 -21.03 1.30
CA GLU C 85 3.28 -19.71 1.69
C GLU C 85 3.07 -18.72 0.56
N HIS C 86 2.80 -17.47 0.94
CA HIS C 86 2.53 -16.39 -0.02
C HIS C 86 3.63 -15.35 0.05
N GLU C 87 4.00 -14.82 -1.12
CA GLU C 87 5.03 -13.79 -1.19
C GLU C 87 4.52 -12.44 -0.69
N GLU C 88 3.21 -12.25 -0.63
CA GLU C 88 2.62 -10.97 -0.26
C GLU C 88 1.75 -11.15 0.97
N LYS C 89 1.85 -10.22 1.92
CA LYS C 89 1.01 -10.19 3.11
C LYS C 89 -0.25 -9.43 2.77
N ALA C 90 -1.32 -10.16 2.47
CA ALA C 90 -2.56 -9.55 2.02
C ALA C 90 -3.76 -10.23 2.68
N VAL C 91 -4.75 -9.41 3.06
CA VAL C 91 -6.05 -9.92 3.50
C VAL C 91 -6.91 -9.98 2.25
N GLU C 92 -6.79 -11.09 1.51
CA GLU C 92 -7.44 -11.24 0.22
C GLU C 92 -8.94 -11.40 0.41
N ILE C 93 -9.70 -10.35 0.14
CA ILE C 93 -11.15 -10.38 0.28
C ILE C 93 -11.73 -11.19 -0.88
N VAL C 94 -12.50 -12.22 -0.56
CA VAL C 94 -13.13 -13.05 -1.56
C VAL C 94 -14.61 -12.71 -1.73
N ASP C 95 -15.30 -12.37 -0.65
CA ASP C 95 -16.74 -12.09 -0.72
C ASP C 95 -17.09 -10.83 0.04
N PHE C 96 -18.25 -10.26 -0.29
CA PHE C 96 -18.84 -9.15 0.45
C PHE C 96 -20.29 -9.54 0.74
N VAL C 97 -20.55 -9.99 1.97
CA VAL C 97 -21.89 -10.46 2.32
C VAL C 97 -22.55 -9.45 3.23
N GLN C 98 -23.84 -9.64 3.51
CA GLN C 98 -24.54 -8.76 4.44
C GLN C 98 -24.06 -9.03 5.86
N LEU C 99 -24.17 -8.01 6.72
CA LEU C 99 -23.65 -8.11 8.07
C LEU C 99 -24.37 -9.17 8.88
N GLN C 100 -25.67 -9.34 8.65
CA GLN C 100 -26.48 -10.25 9.44
C GLN C 100 -26.38 -11.70 8.98
N GLU C 101 -25.68 -11.99 7.88
CA GLU C 101 -25.59 -13.36 7.39
C GLU C 101 -24.65 -14.20 8.26
N ILE C 102 -23.68 -13.57 8.91
CA ILE C 102 -22.71 -14.28 9.74
C ILE C 102 -22.96 -13.90 11.19
N ASP C 103 -23.25 -14.90 12.03
CA ASP C 103 -23.53 -14.70 13.43
C ASP C 103 -22.23 -14.56 14.23
N PRO C 104 -22.27 -13.85 15.37
CA PRO C 104 -21.07 -13.74 16.20
C PRO C 104 -20.58 -15.06 16.80
N ILE C 105 -21.34 -16.14 16.62
CA ILE C 105 -20.85 -17.45 17.03
C ILE C 105 -19.75 -17.94 16.11
N TYR C 106 -19.61 -17.35 14.92
CA TYR C 106 -18.50 -17.67 14.03
C TYR C 106 -17.20 -17.02 14.50
N PHE C 107 -17.29 -15.92 15.23
CA PHE C 107 -16.12 -15.11 15.54
C PHE C 107 -15.19 -15.85 16.50
N ASN C 108 -13.88 -15.72 16.27
CA ASN C 108 -12.86 -16.35 17.10
C ASN C 108 -11.98 -15.31 17.80
N ARG C 109 -11.34 -14.42 17.04
CA ARG C 109 -10.46 -13.41 17.61
C ARG C 109 -10.73 -12.08 16.91
N SER C 110 -10.46 -10.99 17.62
CA SER C 110 -10.73 -9.64 17.13
C SER C 110 -9.42 -8.88 16.97
N TYR C 111 -9.30 -8.13 15.87
CA TYR C 111 -8.16 -7.28 15.61
C TYR C 111 -8.63 -5.91 15.13
N PHE C 112 -7.91 -4.87 15.55
CA PHE C 112 -8.16 -3.52 15.08
C PHE C 112 -7.31 -3.27 13.83
N VAL C 113 -7.96 -2.75 12.79
CA VAL C 113 -7.31 -2.44 11.52
C VAL C 113 -7.07 -0.94 11.47
N GLY C 114 -5.80 -0.55 11.38
CA GLY C 114 -5.45 0.85 11.26
C GLY C 114 -4.87 1.14 9.89
N PRO C 115 -4.97 2.39 9.45
CA PRO C 115 -4.41 2.76 8.15
C PRO C 115 -2.90 2.55 8.12
N GLY C 116 -2.40 2.09 6.97
CA GLY C 116 -0.98 1.90 6.77
C GLY C 116 -0.32 3.13 6.16
N ASP C 117 0.82 2.88 5.54
CA ASP C 117 1.53 3.97 4.87
C ASP C 117 0.83 4.33 3.57
N ASN C 118 0.45 5.61 3.45
CA ASN C 118 -0.20 6.14 2.26
C ASN C 118 -1.52 5.41 1.98
N GLY C 119 -2.18 4.97 3.04
CA GLY C 119 -3.42 4.20 2.89
C GLY C 119 -4.55 4.68 3.77
N THR C 120 -4.69 6.00 3.93
CA THR C 120 -5.73 6.58 4.77
C THR C 120 -7.01 6.90 4.02
N LYS C 121 -6.91 7.48 2.81
CA LYS C 121 -8.10 7.83 2.04
C LYS C 121 -8.87 6.58 1.63
N ALA C 122 -8.15 5.56 1.14
CA ALA C 122 -8.81 4.31 0.78
C ALA C 122 -9.40 3.62 2.00
N TYR C 123 -8.71 3.71 3.14
CA TYR C 123 -9.24 3.16 4.38
C TYR C 123 -10.56 3.83 4.76
N THR C 124 -10.60 5.16 4.68
CA THR C 124 -11.83 5.88 4.99
C THR C 124 -12.93 5.52 4.02
N LEU C 125 -12.61 5.42 2.73
CA LEU C 125 -13.61 5.07 1.73
C LEU C 125 -14.19 3.68 1.99
N LEU C 126 -13.32 2.70 2.29
CA LEU C 126 -13.80 1.35 2.57
C LEU C 126 -14.65 1.31 3.82
N ARG C 127 -14.23 2.03 4.87
CA ARG C 127 -15.01 2.07 6.10
C ARG C 127 -16.40 2.67 5.85
N GLU C 128 -16.46 3.77 5.11
CA GLU C 128 -17.74 4.41 4.83
C GLU C 128 -18.62 3.52 3.96
N ALA C 129 -18.03 2.85 2.97
CA ALA C 129 -18.82 1.95 2.13
C ALA C 129 -19.38 0.79 2.93
N LEU C 130 -18.57 0.17 3.78
CA LEU C 130 -19.05 -0.93 4.61
C LEU C 130 -20.14 -0.47 5.56
N ARG C 131 -19.98 0.72 6.15
CA ARG C 131 -20.99 1.22 7.08
C ARG C 131 -22.30 1.53 6.36
N SER C 132 -22.22 2.17 5.19
CA SER C 132 -23.43 2.58 4.49
C SER C 132 -24.18 1.40 3.90
N THR C 133 -23.46 0.48 3.24
CA THR C 133 -24.12 -0.68 2.65
C THR C 133 -24.52 -1.72 3.68
N GLY C 134 -24.05 -1.61 4.92
CA GLY C 134 -24.36 -2.60 5.93
C GLY C 134 -23.82 -3.97 5.61
N LYS C 135 -22.58 -4.05 5.16
CA LYS C 135 -21.99 -5.30 4.69
C LYS C 135 -20.68 -5.57 5.39
N ILE C 136 -20.24 -6.83 5.33
CA ILE C 136 -18.96 -7.26 5.85
C ILE C 136 -18.21 -7.99 4.73
N GLY C 137 -16.89 -8.06 4.88
CA GLY C 137 -16.08 -8.69 3.86
C GLY C 137 -15.43 -9.98 4.30
N ILE C 138 -15.76 -11.08 3.64
CA ILE C 138 -15.15 -12.38 3.92
C ILE C 138 -13.85 -12.49 3.14
N ALA C 139 -12.78 -12.87 3.84
CA ALA C 139 -11.44 -12.85 3.30
C ALA C 139 -10.62 -14.01 3.88
N ASN C 140 -9.47 -14.24 3.27
CA ASN C 140 -8.49 -15.21 3.76
C ASN C 140 -7.23 -14.46 4.21
N MET C 141 -6.69 -14.84 5.36
CA MET C 141 -5.50 -14.17 5.87
C MET C 141 -4.53 -15.17 6.45
N THR C 142 -3.34 -14.67 6.78
CA THR C 142 -2.29 -15.48 7.39
C THR C 142 -1.42 -14.55 8.23
N ILE C 143 -1.47 -14.70 9.55
CA ILE C 143 -0.67 -13.84 10.42
C ILE C 143 0.78 -14.32 10.47
N ARG C 144 0.99 -15.53 10.98
CA ARG C 144 2.31 -16.17 11.00
C ARG C 144 2.15 -17.61 10.54
N SER C 145 2.19 -17.82 9.23
CA SER C 145 2.19 -19.16 8.63
C SER C 145 1.05 -20.03 9.17
N LYS C 146 -0.16 -19.45 9.22
CA LYS C 146 -1.36 -20.21 9.56
C LYS C 146 -2.54 -19.55 8.85
N GLN C 147 -2.91 -20.10 7.69
CA GLN C 147 -4.00 -19.54 6.92
C GLN C 147 -5.33 -19.76 7.62
N GLN C 148 -6.17 -18.72 7.62
CA GLN C 148 -7.49 -18.82 8.23
C GLN C 148 -8.44 -17.88 7.53
N LEU C 149 -9.72 -17.99 7.90
CA LEU C 149 -10.80 -17.19 7.36
C LEU C 149 -11.08 -16.01 8.29
N ALA C 150 -11.47 -14.88 7.70
CA ALA C 150 -11.73 -13.68 8.49
C ALA C 150 -12.85 -12.88 7.85
N ILE C 151 -13.43 -11.98 8.63
CA ILE C 151 -14.43 -11.04 8.16
C ILE C 151 -14.05 -9.64 8.63
N LEU C 152 -14.17 -8.67 7.74
CA LEU C 152 -13.91 -7.26 8.05
C LEU C 152 -15.24 -6.53 8.19
N ARG C 153 -15.40 -5.83 9.31
CA ARG C 153 -16.61 -5.07 9.61
C ARG C 153 -16.20 -3.71 10.17
N VAL C 154 -17.19 -2.90 10.50
CA VAL C 154 -16.96 -1.55 11.02
C VAL C 154 -17.48 -1.48 12.44
N TYR C 155 -16.62 -1.05 13.37
CA TYR C 155 -16.99 -0.83 14.76
C TYR C 155 -16.62 0.60 15.13
N GLU C 156 -17.64 1.41 15.44
CA GLU C 156 -17.46 2.81 15.80
C GLU C 156 -16.75 3.57 14.69
N ASN C 157 -15.52 4.02 14.97
CA ASN C 157 -14.73 4.77 14.02
C ASN C 157 -13.63 3.93 13.37
N CYS C 158 -13.62 2.62 13.61
CA CYS C 158 -12.53 1.77 13.18
C CYS C 158 -13.05 0.60 12.36
N ILE C 159 -12.15 -0.04 11.64
CA ILE C 159 -12.42 -1.29 10.94
C ILE C 159 -11.88 -2.43 11.81
N VAL C 160 -12.72 -3.42 12.07
CA VAL C 160 -12.37 -4.56 12.91
C VAL C 160 -12.36 -5.81 12.05
N MET C 161 -11.25 -6.53 12.07
CA MET C 161 -11.10 -7.78 11.34
C MET C 161 -11.13 -8.93 12.34
N GLU C 162 -12.16 -9.76 12.24
CA GLU C 162 -12.36 -10.89 13.13
C GLU C 162 -12.07 -12.18 12.38
N SER C 163 -11.11 -12.95 12.87
CA SER C 163 -10.98 -14.32 12.39
C SER C 163 -12.24 -15.10 12.74
N ILE C 164 -12.60 -16.06 11.89
CA ILE C 164 -13.83 -16.80 12.08
C ILE C 164 -13.55 -18.29 11.96
N HIS C 165 -14.38 -19.08 12.63
CA HIS C 165 -14.32 -20.53 12.50
C HIS C 165 -14.83 -20.93 11.13
N TYR C 166 -14.28 -22.03 10.62
CA TYR C 166 -14.76 -22.58 9.38
C TYR C 166 -16.19 -23.09 9.55
N PRO C 167 -17.01 -23.03 8.49
CA PRO C 167 -18.43 -23.42 8.65
C PRO C 167 -18.63 -24.84 9.14
N ASP C 168 -17.70 -25.75 8.85
CA ASP C 168 -17.80 -27.12 9.35
C ASP C 168 -17.48 -27.23 10.84
N GLU C 169 -16.84 -26.22 11.42
CA GLU C 169 -16.54 -26.21 12.84
C GLU C 169 -17.64 -25.59 13.69
N VAL C 170 -18.67 -25.03 13.07
CA VAL C 170 -19.75 -24.35 13.79
C VAL C 170 -20.98 -25.24 13.78
N ARG C 171 -21.54 -25.50 14.95
CA ARG C 171 -22.73 -26.32 15.07
C ARG C 171 -23.97 -25.52 14.69
N SER C 172 -25.06 -26.24 14.45
CA SER C 172 -26.32 -25.64 14.03
C SER C 172 -27.25 -25.50 15.23
N ALA C 173 -27.85 -24.32 15.38
CA ALA C 173 -28.77 -24.09 16.49
C ALA C 173 -30.08 -24.84 16.33
N ALA C 174 -30.39 -25.31 15.12
CA ALA C 174 -31.62 -26.05 14.91
C ALA C 174 -31.55 -27.46 15.45
N GLN C 175 -30.36 -27.97 15.75
CA GLN C 175 -30.18 -29.31 16.26
C GLN C 175 -29.95 -29.37 17.76
N VAL C 176 -30.13 -28.25 18.47
CA VAL C 176 -29.99 -28.25 19.92
C VAL C 176 -31.15 -29.05 20.52
N PRO C 177 -30.87 -30.04 21.38
CA PRO C 177 -31.94 -30.92 21.88
C PRO C 177 -32.91 -30.16 22.77
N GLY C 178 -34.21 -30.40 22.56
CA GLY C 178 -35.24 -29.92 23.44
C GLY C 178 -35.70 -28.50 23.21
N VAL C 179 -35.10 -27.77 22.27
CA VAL C 179 -35.46 -26.38 22.04
C VAL C 179 -36.83 -26.32 21.38
N PRO C 180 -37.81 -25.66 21.98
CA PRO C 180 -39.15 -25.61 21.38
C PRO C 180 -39.19 -24.68 20.18
N ASP C 181 -40.17 -24.92 19.32
CA ASP C 181 -40.40 -24.07 18.16
C ASP C 181 -41.16 -22.82 18.60
N GLN C 182 -41.67 -22.05 17.63
CA GLN C 182 -42.43 -20.84 17.93
C GLN C 182 -43.87 -21.17 18.30
N SER C 183 -44.01 -21.95 19.37
CA SER C 183 -45.32 -22.29 19.89
C SER C 183 -45.98 -21.05 20.49
N ASN C 184 -47.28 -21.16 20.76
CA ASN C 184 -48.03 -20.05 21.30
C ASN C 184 -47.47 -19.64 22.66
N VAL C 185 -47.25 -18.34 22.83
CA VAL C 185 -46.73 -17.77 24.07
C VAL C 185 -47.81 -16.85 24.64
N ASN C 186 -48.14 -17.07 25.91
CA ASN C 186 -49.18 -16.28 26.56
C ASN C 186 -48.80 -14.79 26.55
N ASP C 187 -49.77 -13.95 26.18
CA ASP C 187 -49.49 -12.52 26.07
C ASP C 187 -49.29 -11.89 27.43
N LYS C 188 -50.11 -12.26 28.42
CA LYS C 188 -49.95 -11.70 29.76
C LYS C 188 -48.64 -12.14 30.40
N GLU C 189 -48.28 -13.42 30.25
CA GLU C 189 -47.01 -13.90 30.77
C GLU C 189 -45.83 -13.23 30.08
N LEU C 190 -45.93 -13.03 28.76
CA LEU C 190 -44.87 -12.33 28.05
C LEU C 190 -44.74 -10.89 28.51
N GLN C 191 -45.87 -10.22 28.77
CA GLN C 191 -45.82 -8.85 29.26
C GLN C 191 -45.20 -8.79 30.65
N THR C 192 -45.54 -9.75 31.51
CA THR C 192 -44.93 -9.79 32.85
C THR C 192 -43.43 -10.02 32.75
N ALA C 193 -43.00 -10.92 31.85
CA ALA C 193 -41.57 -11.16 31.65
C ALA C 193 -40.87 -9.90 31.14
N ILE C 194 -41.53 -9.19 30.21
CA ILE C 194 -40.95 -7.96 29.67
C ILE C 194 -40.82 -6.91 30.76
N THR C 195 -41.82 -6.77 31.62
CA THR C 195 -41.72 -5.80 32.70
C THR C 195 -40.65 -6.19 33.71
N LEU C 196 -40.49 -7.48 33.99
CA LEU C 196 -39.40 -7.91 34.86
C LEU C 196 -38.05 -7.56 34.25
N ILE C 197 -37.86 -7.85 32.96
CA ILE C 197 -36.60 -7.55 32.29
C ILE C 197 -36.34 -6.05 32.32
N ASP C 198 -37.38 -5.24 32.07
CA ASP C 198 -37.22 -3.79 32.09
C ASP C 198 -36.86 -3.29 33.48
N GLU C 199 -37.43 -3.92 34.52
CA GLU C 199 -37.08 -3.58 35.89
C GLU C 199 -35.61 -3.87 36.16
N LEU C 200 -35.11 -5.00 35.65
CA LEU C 200 -33.70 -5.31 35.82
C LEU C 200 -32.79 -4.60 34.81
N THR C 201 -33.36 -3.89 33.83
CA THR C 201 -32.56 -3.25 32.80
C THR C 201 -31.76 -2.08 33.39
N ALA C 202 -30.49 -1.98 32.99
CA ALA C 202 -29.63 -0.88 33.34
C ALA C 202 -28.74 -0.55 32.15
N LYS C 203 -27.98 0.53 32.26
CA LYS C 203 -27.00 0.88 31.24
C LYS C 203 -25.72 0.07 31.44
N PHE C 204 -25.01 -0.17 30.35
CA PHE C 204 -23.79 -0.95 30.40
C PHE C 204 -22.67 -0.12 31.00
N GLU C 205 -22.16 -0.56 32.16
CA GLU C 205 -21.06 0.11 32.85
C GLU C 205 -19.86 -0.82 32.90
N PRO C 206 -18.86 -0.64 32.04
CA PRO C 206 -17.70 -1.54 32.05
C PRO C 206 -16.96 -1.56 33.38
N GLU C 207 -16.98 -0.45 34.12
CA GLU C 207 -16.29 -0.40 35.41
C GLU C 207 -17.02 -1.19 36.49
N LYS C 208 -18.30 -1.51 36.27
CA LYS C 208 -19.05 -2.25 37.28
C LYS C 208 -18.54 -3.68 37.41
N TYR C 209 -18.11 -4.28 36.30
CA TYR C 209 -17.68 -5.68 36.28
C TYR C 209 -16.16 -5.74 36.24
N GLU C 210 -15.59 -6.58 37.12
CA GLU C 210 -14.14 -6.75 37.18
C GLU C 210 -13.83 -8.17 37.62
N ASP C 211 -12.62 -8.63 37.31
CA ASP C 211 -12.17 -9.98 37.63
C ASP C 211 -11.82 -10.03 39.11
N THR C 212 -12.81 -10.41 39.93
CA THR C 212 -12.61 -10.41 41.38
C THR C 212 -11.56 -11.42 41.81
N TYR C 213 -11.48 -12.57 41.13
CA TYR C 213 -10.47 -13.56 41.49
C TYR C 213 -9.07 -13.02 41.29
N ARG C 214 -8.84 -12.28 40.21
CA ARG C 214 -7.53 -11.70 39.96
C ARG C 214 -7.15 -10.69 41.03
N GLN C 215 -8.08 -9.82 41.41
CA GLN C 215 -7.80 -8.85 42.47
C GLN C 215 -7.53 -9.55 43.79
N ALA C 216 -8.30 -10.59 44.11
CA ALA C 216 -8.08 -11.32 45.35
C ALA C 216 -6.70 -11.98 45.36
N LEU C 217 -6.32 -12.62 44.25
CA LEU C 217 -5.00 -13.25 44.17
C LEU C 217 -3.89 -12.22 44.29
N LEU C 218 -4.03 -11.08 43.62
CA LEU C 218 -3.01 -10.04 43.71
C LEU C 218 -2.91 -9.48 45.11
N GLN C 219 -4.04 -9.29 45.79
CA GLN C 219 -4.02 -8.82 47.16
C GLN C 219 -3.35 -9.82 48.09
N ARG C 220 -3.64 -11.11 47.90
CA ARG C 220 -2.99 -12.14 48.72
C ARG C 220 -1.49 -12.16 48.47
N VAL C 221 -1.08 -12.03 47.21
CA VAL C 221 0.35 -12.00 46.88
C VAL C 221 1.03 -10.81 47.52
N ASN C 222 0.38 -9.64 47.45
CA ASN C 222 0.95 -8.44 48.07
C ASN C 222 1.04 -8.59 49.58
N ASP C 223 0.00 -9.18 50.20
CA ASP C 223 0.02 -9.38 51.64
C ASP C 223 1.16 -10.28 52.06
N LYS C 224 1.38 -11.36 51.31
CA LYS C 224 2.50 -12.25 51.62
C LYS C 224 3.85 -11.59 51.35
N LEU C 225 3.91 -10.74 50.31
CA LEU C 225 5.15 -10.05 50.00
C LEU C 225 5.54 -9.08 51.12
N GLU C 226 4.56 -8.33 51.64
CA GLU C 226 4.83 -7.39 52.72
C GLU C 226 5.34 -8.13 53.96
N ASN C 227 4.55 -9.07 54.47
CA ASN C 227 4.94 -9.84 55.65
C ASN C 227 4.96 -11.33 55.34
N MET D 1 -26.11 -33.67 20.03
CA MET D 1 -25.28 -32.76 20.84
C MET D 1 -25.07 -33.35 22.23
N HIS D 2 -23.89 -33.09 22.80
CA HIS D 2 -23.52 -33.60 24.10
C HIS D 2 -23.61 -32.49 25.15
N THR D 3 -24.35 -32.76 26.22
CA THR D 3 -24.50 -31.77 27.29
C THR D 3 -23.21 -31.68 28.09
N MET D 4 -22.61 -30.49 28.10
CA MET D 4 -21.37 -30.26 28.85
C MET D 4 -21.59 -29.54 30.17
N TRP D 5 -22.79 -29.02 30.42
CA TRP D 5 -23.07 -28.29 31.64
C TRP D 5 -24.57 -28.34 31.89
N LYS D 6 -24.95 -28.49 33.15
CA LYS D 6 -26.36 -28.61 33.53
C LYS D 6 -26.59 -27.70 34.74
N GLY D 7 -27.41 -26.67 34.57
CA GLY D 7 -27.63 -25.74 35.66
C GLY D 7 -28.92 -24.96 35.51
N SER D 8 -28.90 -23.68 35.87
CA SER D 8 -30.11 -22.86 35.77
C SER D 8 -29.74 -21.40 35.61
N ILE D 9 -30.41 -20.73 34.69
CA ILE D 9 -30.33 -19.27 34.58
C ILE D 9 -31.15 -18.68 35.72
N SER D 10 -30.50 -17.93 36.61
CA SER D 10 -31.14 -17.47 37.83
C SER D 10 -30.97 -15.97 37.97
N PHE D 11 -32.07 -15.27 38.27
CA PHE D 11 -32.03 -13.89 38.73
C PHE D 11 -33.23 -13.69 39.63
N GLY D 12 -32.97 -13.43 40.91
CA GLY D 12 -34.05 -13.23 41.87
C GLY D 12 -34.93 -14.45 41.97
N LEU D 13 -36.25 -14.23 41.81
CA LEU D 13 -37.19 -15.34 41.87
C LEU D 13 -37.18 -16.18 40.60
N VAL D 14 -36.62 -15.64 39.50
CA VAL D 14 -36.67 -16.36 38.23
C VAL D 14 -35.55 -17.39 38.20
N ASN D 15 -35.92 -18.65 37.98
CA ASN D 15 -34.98 -19.76 37.91
C ASN D 15 -35.41 -20.68 36.78
N ILE D 16 -34.57 -20.78 35.75
CA ILE D 16 -34.89 -21.56 34.56
C ILE D 16 -33.85 -22.66 34.39
N PRO D 17 -34.19 -23.93 34.62
CA PRO D 17 -33.22 -25.01 34.39
C PRO D 17 -32.81 -25.06 32.93
N ILE D 18 -31.50 -25.20 32.70
CA ILE D 18 -30.93 -25.15 31.36
C ILE D 18 -29.77 -26.13 31.23
N LYS D 19 -29.44 -26.43 29.97
CA LYS D 19 -28.28 -27.23 29.62
C LYS D 19 -27.44 -26.45 28.61
N LEU D 20 -26.13 -26.64 28.67
CA LEU D 20 -25.19 -25.95 27.81
C LEU D 20 -24.56 -26.93 26.83
N TYR D 21 -24.46 -26.50 25.57
CA TYR D 21 -23.81 -27.27 24.52
C TYR D 21 -22.77 -26.40 23.85
N ALA D 22 -21.61 -26.99 23.54
CA ALA D 22 -20.58 -26.26 22.83
C ALA D 22 -21.08 -25.89 21.43
N ALA D 23 -21.00 -24.60 21.09
CA ALA D 23 -21.48 -24.14 19.80
C ALA D 23 -20.45 -24.31 18.68
N THR D 24 -19.20 -24.58 19.01
CA THR D 24 -18.15 -24.76 18.03
C THR D 24 -17.25 -25.91 18.45
N GLU D 25 -16.53 -26.47 17.47
CA GLU D 25 -15.57 -27.53 17.70
C GLU D 25 -14.27 -27.18 17.01
N ASP D 26 -13.16 -27.66 17.57
CA ASP D 26 -11.84 -27.46 16.99
C ASP D 26 -11.52 -28.63 16.09
N LYS D 27 -11.62 -28.42 14.78
CA LYS D 27 -11.34 -29.45 13.78
C LYS D 27 -9.94 -29.36 13.21
N ASP D 28 -9.08 -28.53 13.79
CA ASP D 28 -7.73 -28.37 13.29
C ASP D 28 -6.95 -29.67 13.45
N ILE D 29 -5.96 -29.86 12.57
CA ILE D 29 -5.17 -31.08 12.57
C ILE D 29 -4.11 -31.00 13.67
N LYS D 30 -4.05 -32.03 14.50
CA LYS D 30 -3.09 -32.12 15.59
C LYS D 30 -2.12 -33.26 15.31
N LEU D 31 -0.82 -32.98 15.41
CA LEU D 31 0.23 -33.95 15.11
C LEU D 31 0.94 -34.34 16.40
N ARG D 32 1.04 -35.63 16.65
CA ARG D 32 1.72 -36.14 17.84
C ARG D 32 3.21 -36.24 17.59
N SER D 33 4.01 -35.70 18.51
CA SER D 33 5.46 -35.77 18.40
C SER D 33 5.93 -37.17 18.77
N LEU D 34 6.82 -37.72 17.97
CA LEU D 34 7.29 -39.10 18.12
C LEU D 34 8.80 -39.13 18.01
N HIS D 35 9.40 -40.16 18.60
CA HIS D 35 10.83 -40.39 18.44
C HIS D 35 11.13 -40.83 17.02
N LYS D 36 12.17 -40.27 16.42
CA LYS D 36 12.50 -40.61 15.03
C LYS D 36 13.08 -42.02 14.91
N GLU D 37 13.59 -42.59 16.00
CA GLU D 37 14.24 -43.90 15.91
C GLU D 37 13.23 -45.04 16.02
N ASP D 38 12.22 -44.90 16.88
CA ASP D 38 11.28 -45.98 17.13
C ASP D 38 9.83 -45.62 16.83
N HIS D 39 9.56 -44.35 16.46
CA HIS D 39 8.22 -43.88 16.15
C HIS D 39 7.26 -44.10 17.32
N ALA D 40 7.75 -43.92 18.53
CA ALA D 40 6.94 -43.97 19.74
C ALA D 40 6.67 -42.56 20.26
N PRO D 41 5.48 -42.31 20.80
CA PRO D 41 5.16 -40.96 21.28
C PRO D 41 6.06 -40.56 22.44
N ILE D 42 6.27 -39.25 22.55
CA ILE D 42 7.11 -38.69 23.61
C ILE D 42 6.22 -38.23 24.76
N LYS D 43 6.85 -38.06 25.92
CA LYS D 43 6.16 -37.57 27.10
C LYS D 43 7.02 -36.52 27.79
N TYR D 44 6.36 -35.63 28.53
CA TYR D 44 7.04 -34.55 29.24
C TYR D 44 7.37 -34.96 30.66
N GLU D 45 8.62 -34.74 31.06
CA GLU D 45 9.07 -34.96 32.43
C GLU D 45 9.43 -33.62 33.06
N LYS D 46 8.84 -33.33 34.21
CA LYS D 46 9.12 -32.08 34.92
C LYS D 46 10.36 -32.26 35.76
N VAL D 47 11.42 -31.52 35.43
CA VAL D 47 12.69 -31.57 36.14
C VAL D 47 13.05 -30.16 36.61
N CYS D 48 13.64 -30.07 37.80
CA CYS D 48 14.00 -28.77 38.35
C CYS D 48 15.12 -28.14 37.56
N THR D 49 15.07 -26.81 37.43
CA THR D 49 16.12 -26.09 36.69
C THR D 49 17.46 -26.21 37.41
N ASN D 50 17.48 -26.06 38.73
CA ASN D 50 18.73 -26.08 39.49
C ASN D 50 19.12 -27.50 39.91
N CYS D 51 18.25 -28.18 40.66
CA CYS D 51 18.58 -29.51 41.16
C CYS D 51 18.67 -30.54 40.04
N GLU D 52 18.02 -30.30 38.90
CA GLU D 52 18.00 -31.23 37.77
C GLU D 52 17.49 -32.61 38.21
N LYS D 53 16.42 -32.60 39.00
CA LYS D 53 15.81 -33.82 39.53
C LYS D 53 14.40 -33.96 39.00
N THR D 54 14.04 -35.18 38.61
CA THR D 54 12.69 -35.45 38.15
C THR D 54 11.71 -35.31 39.32
N LEU D 55 10.64 -34.55 39.10
CA LEU D 55 9.72 -34.18 40.17
C LEU D 55 8.36 -34.82 39.94
N SER D 56 7.87 -35.52 40.95
CA SER D 56 6.50 -35.99 40.97
C SER D 56 5.55 -34.83 41.27
N PRO D 57 4.25 -34.97 40.96
CA PRO D 57 3.32 -33.85 41.16
C PRO D 57 3.22 -33.37 42.60
N ASP D 58 3.58 -34.19 43.58
CA ASP D 58 3.53 -33.77 44.97
C ASP D 58 4.76 -32.99 45.41
N GLU D 59 5.75 -32.83 44.53
CA GLU D 59 6.95 -32.04 44.81
C GLU D 59 6.98 -30.73 44.04
N ILE D 60 5.84 -30.31 43.49
CA ILE D 60 5.74 -29.12 42.67
C ILE D 60 4.70 -28.20 43.30
N VAL D 61 5.06 -26.91 43.45
CA VAL D 61 4.17 -25.92 44.03
C VAL D 61 4.09 -24.73 43.09
N LYS D 62 2.97 -24.01 43.16
CA LYS D 62 2.72 -22.87 42.27
C LYS D 62 3.32 -21.60 42.86
N GLY D 63 3.74 -20.71 41.96
CA GLY D 63 4.33 -19.45 42.38
C GLY D 63 4.02 -18.30 41.43
N TYR D 64 3.70 -17.14 42.00
CA TYR D 64 3.39 -15.95 41.22
C TYR D 64 4.64 -15.09 41.08
N GLU D 65 4.92 -14.65 39.86
CA GLU D 65 6.12 -13.87 39.56
C GLU D 65 5.76 -12.39 39.63
N TYR D 66 5.97 -11.78 40.80
CA TYR D 66 5.71 -10.35 40.93
C TYR D 66 6.79 -9.53 40.25
N VAL D 67 8.06 -9.94 40.38
CA VAL D 67 9.16 -9.37 39.63
C VAL D 67 9.94 -10.51 39.00
N LYS D 68 10.64 -10.20 37.92
CA LYS D 68 11.35 -11.21 37.14
C LYS D 68 12.42 -11.89 37.97
N GLY D 69 12.25 -13.20 38.20
CA GLY D 69 13.21 -13.99 38.94
C GLY D 69 12.80 -14.30 40.37
N LYS D 70 11.84 -13.56 40.92
CA LYS D 70 11.37 -13.77 42.29
C LYS D 70 9.93 -14.27 42.25
N TYR D 71 9.64 -15.31 43.02
CA TYR D 71 8.34 -15.96 43.00
C TYR D 71 7.78 -16.04 44.42
N VAL D 72 6.56 -15.54 44.59
CA VAL D 72 5.82 -15.76 45.83
C VAL D 72 5.11 -17.10 45.71
N VAL D 73 5.45 -18.04 46.59
CA VAL D 73 4.88 -19.38 46.53
C VAL D 73 3.48 -19.35 47.11
N LEU D 74 2.51 -19.82 46.32
CA LEU D 74 1.11 -19.88 46.73
C LEU D 74 0.78 -21.34 47.00
N THR D 75 0.58 -21.68 48.27
CA THR D 75 0.26 -23.04 48.65
C THR D 75 -1.16 -23.39 48.20
N ASP D 76 -1.52 -24.67 48.36
CA ASP D 76 -2.84 -25.13 47.95
C ASP D 76 -3.94 -24.41 48.73
N GLU D 77 -3.76 -24.27 50.05
CA GLU D 77 -4.78 -23.63 50.87
C GLU D 77 -5.04 -22.20 50.43
N ASP D 78 -3.98 -21.47 50.09
CA ASP D 78 -4.14 -20.09 49.64
C ASP D 78 -5.00 -20.03 48.38
N LEU D 79 -4.70 -20.87 47.39
CA LEU D 79 -5.45 -20.88 46.15
C LEU D 79 -6.90 -21.29 46.36
N LYS D 80 -7.12 -22.30 47.22
CA LYS D 80 -8.50 -22.72 47.49
C LYS D 80 -9.29 -21.62 48.18
N SER D 81 -8.66 -20.90 49.12
CA SER D 81 -9.36 -19.79 49.78
C SER D 81 -9.65 -18.67 48.80
N LEU D 82 -8.72 -18.40 47.87
CA LEU D 82 -8.97 -17.36 46.87
C LEU D 82 -10.13 -17.73 45.96
N LYS D 83 -10.21 -18.98 45.53
CA LYS D 83 -11.28 -19.41 44.64
C LYS D 83 -12.63 -19.41 45.36
N GLN D 84 -13.66 -18.94 44.66
CA GLN D 84 -15.01 -18.90 45.20
C GLN D 84 -15.78 -20.10 44.68
N GLU D 85 -16.31 -20.91 45.60
CA GLU D 85 -17.07 -22.10 45.25
C GLU D 85 -18.56 -21.86 45.49
N HIS D 86 -19.39 -22.30 44.54
CA HIS D 86 -20.83 -22.17 44.63
C HIS D 86 -21.45 -23.55 44.71
N GLU D 87 -22.34 -23.75 45.68
CA GLU D 87 -23.00 -25.04 45.85
C GLU D 87 -23.98 -25.33 44.73
N GLU D 88 -24.44 -24.31 44.01
CA GLU D 88 -25.42 -24.47 42.95
C GLU D 88 -24.83 -24.01 41.63
N LYS D 89 -24.96 -24.84 40.60
CA LYS D 89 -24.51 -24.48 39.26
C LYS D 89 -25.55 -23.55 38.65
N ALA D 90 -25.29 -22.25 38.70
CA ALA D 90 -26.25 -21.27 38.21
C ALA D 90 -25.53 -20.21 37.38
N VAL D 91 -26.22 -19.72 36.36
CA VAL D 91 -25.81 -18.56 35.59
C VAL D 91 -26.56 -17.38 36.20
N GLU D 92 -25.87 -16.60 37.03
CA GLU D 92 -26.52 -15.58 37.84
C GLU D 92 -26.53 -14.27 37.07
N ILE D 93 -27.72 -13.82 36.68
CA ILE D 93 -27.86 -12.60 35.88
C ILE D 93 -27.82 -11.39 36.80
N VAL D 94 -26.98 -10.41 36.44
CA VAL D 94 -26.83 -9.20 37.24
C VAL D 94 -27.68 -8.06 36.69
N ASP D 95 -27.74 -7.90 35.37
CA ASP D 95 -28.55 -6.85 34.76
C ASP D 95 -28.71 -7.13 33.28
N PHE D 96 -29.60 -6.35 32.64
CA PHE D 96 -29.88 -6.45 31.23
C PHE D 96 -29.55 -5.13 30.55
N VAL D 97 -28.85 -5.21 29.40
CA VAL D 97 -28.56 -4.06 28.58
C VAL D 97 -29.02 -4.36 27.15
N GLN D 98 -28.91 -3.36 26.28
CA GLN D 98 -29.32 -3.52 24.91
C GLN D 98 -28.35 -4.42 24.14
N LEU D 99 -28.85 -4.99 23.03
CA LEU D 99 -28.02 -5.86 22.21
C LEU D 99 -26.82 -5.11 21.65
N GLN D 100 -27.00 -3.85 21.26
CA GLN D 100 -25.94 -3.08 20.62
C GLN D 100 -24.95 -2.48 21.60
N GLU D 101 -25.21 -2.55 22.90
CA GLU D 101 -24.32 -1.94 23.88
C GLU D 101 -23.04 -2.74 24.11
N ILE D 102 -23.02 -4.02 23.75
CA ILE D 102 -21.85 -4.87 23.89
C ILE D 102 -21.43 -5.32 22.50
N ASP D 103 -20.22 -4.98 22.10
CA ASP D 103 -19.71 -5.31 20.78
C ASP D 103 -19.21 -6.75 20.75
N PRO D 104 -19.25 -7.40 19.57
CA PRO D 104 -18.72 -8.77 19.46
C PRO D 104 -17.23 -8.88 19.72
N ILE D 105 -16.52 -7.76 19.89
CA ILE D 105 -15.13 -7.82 20.29
C ILE D 105 -14.99 -8.29 21.73
N TYR D 106 -16.04 -8.14 22.53
CA TYR D 106 -16.04 -8.68 23.89
C TYR D 106 -16.19 -10.19 23.90
N PHE D 107 -16.87 -10.75 22.89
CA PHE D 107 -17.22 -12.16 22.93
C PHE D 107 -15.97 -13.04 22.87
N ASN D 108 -15.95 -14.08 23.70
CA ASN D 108 -14.86 -15.03 23.76
C ASN D 108 -15.28 -16.42 23.29
N ARG D 109 -16.31 -16.99 23.90
CA ARG D 109 -16.75 -18.34 23.55
C ARG D 109 -18.27 -18.39 23.48
N SER D 110 -18.79 -19.30 22.66
CA SER D 110 -20.22 -19.41 22.41
C SER D 110 -20.74 -20.76 22.87
N TYR D 111 -21.94 -20.77 23.45
CA TYR D 111 -22.62 -22.00 23.83
C TYR D 111 -24.10 -21.88 23.53
N PHE D 112 -24.70 -22.99 23.09
CA PHE D 112 -26.14 -23.07 22.93
C PHE D 112 -26.78 -23.43 24.27
N VAL D 113 -27.91 -22.79 24.56
CA VAL D 113 -28.65 -23.03 25.79
C VAL D 113 -29.93 -23.78 25.43
N GLY D 114 -30.11 -24.96 25.99
CA GLY D 114 -31.31 -25.74 25.77
C GLY D 114 -32.12 -25.87 27.04
N PRO D 115 -33.43 -26.06 26.90
CA PRO D 115 -34.28 -26.20 28.08
C PRO D 115 -33.87 -27.41 28.92
N GLY D 116 -33.96 -27.25 30.24
CA GLY D 116 -33.72 -28.34 31.17
C GLY D 116 -34.97 -29.14 31.42
N ASP D 117 -34.92 -29.93 32.49
CA ASP D 117 -36.08 -30.73 32.87
C ASP D 117 -37.17 -29.83 33.45
N ASN D 118 -38.36 -29.90 32.85
CA ASN D 118 -39.52 -29.11 33.27
C ASN D 118 -39.21 -27.62 33.23
N GLY D 119 -38.45 -27.21 32.23
CA GLY D 119 -38.07 -25.81 32.10
C GLY D 119 -38.24 -25.24 30.71
N THR D 120 -39.29 -25.67 30.01
CA THR D 120 -39.50 -25.26 28.64
C THR D 120 -40.30 -23.96 28.53
N LYS D 121 -41.37 -23.84 29.32
CA LYS D 121 -42.19 -22.62 29.27
C LYS D 121 -41.39 -21.41 29.70
N ALA D 122 -40.61 -21.52 30.77
CA ALA D 122 -39.77 -20.40 31.21
C ALA D 122 -38.71 -20.07 30.17
N TYR D 123 -38.14 -21.10 29.53
CA TYR D 123 -37.16 -20.87 28.48
C TYR D 123 -37.77 -20.09 27.32
N THR D 124 -38.97 -20.49 26.89
CA THR D 124 -39.64 -19.79 25.81
C THR D 124 -39.98 -18.35 26.21
N LEU D 125 -40.44 -18.16 27.44
CA LEU D 125 -40.77 -16.81 27.90
C LEU D 125 -39.53 -15.93 27.91
N LEU D 126 -38.41 -16.44 28.40
CA LEU D 126 -37.18 -15.65 28.43
C LEU D 126 -36.70 -15.34 27.01
N ARG D 127 -36.77 -16.32 26.11
CA ARG D 127 -36.35 -16.08 24.73
C ARG D 127 -37.22 -15.01 24.08
N GLU D 128 -38.53 -15.09 24.25
CA GLU D 128 -39.43 -14.12 23.66
C GLU D 128 -39.22 -12.73 24.25
N ALA D 129 -39.02 -12.64 25.56
CA ALA D 129 -38.77 -11.35 26.18
C ALA D 129 -37.48 -10.73 25.67
N LEU D 130 -36.41 -11.53 25.59
CA LEU D 130 -35.14 -11.01 25.10
C LEU D 130 -35.24 -10.58 23.64
N ARG D 131 -35.98 -11.34 22.82
CA ARG D 131 -36.13 -10.97 21.41
C ARG D 131 -36.93 -9.69 21.26
N SER D 132 -38.04 -9.57 22.00
CA SER D 132 -38.92 -8.41 21.83
C SER D 132 -38.28 -7.15 22.38
N THR D 133 -37.67 -7.22 23.57
CA THR D 133 -37.03 -6.03 24.13
C THR D 133 -35.70 -5.72 23.45
N GLY D 134 -35.18 -6.62 22.63
CA GLY D 134 -33.88 -6.38 21.99
C GLY D 134 -32.76 -6.24 22.98
N LYS D 135 -32.73 -7.10 24.01
CA LYS D 135 -31.79 -6.97 25.11
C LYS D 135 -30.97 -8.25 25.27
N ILE D 136 -29.89 -8.12 26.02
CA ILE D 136 -29.04 -9.25 26.40
C ILE D 136 -28.87 -9.21 27.92
N GLY D 137 -28.59 -10.37 28.48
CA GLY D 137 -28.42 -10.47 29.92
C GLY D 137 -26.98 -10.73 30.34
N ILE D 138 -26.39 -9.80 31.08
CA ILE D 138 -25.04 -9.99 31.61
C ILE D 138 -25.14 -10.84 32.87
N ALA D 139 -24.24 -11.81 33.00
CA ALA D 139 -24.33 -12.78 34.08
C ALA D 139 -22.93 -13.26 34.46
N ASN D 140 -22.85 -13.82 35.66
CA ASN D 140 -21.65 -14.50 36.15
C ASN D 140 -21.91 -16.00 36.12
N MET D 141 -20.94 -16.75 35.61
CA MET D 141 -21.12 -18.19 35.51
C MET D 141 -19.77 -18.89 35.65
N THR D 142 -19.82 -20.11 36.17
CA THR D 142 -18.64 -20.95 36.34
C THR D 142 -18.89 -22.28 35.66
N ILE D 143 -18.08 -22.61 34.65
CA ILE D 143 -18.21 -23.89 33.97
C ILE D 143 -17.53 -24.99 34.77
N ARG D 144 -16.22 -24.84 34.99
CA ARG D 144 -15.45 -25.80 35.79
C ARG D 144 -14.36 -25.03 36.52
N SER D 145 -14.67 -24.62 37.76
CA SER D 145 -13.70 -23.98 38.65
C SER D 145 -13.03 -22.76 38.00
N LYS D 146 -13.82 -21.97 37.27
CA LYS D 146 -13.32 -20.73 36.69
C LYS D 146 -14.51 -19.80 36.46
N GLN D 147 -14.67 -18.82 37.35
CA GLN D 147 -15.77 -17.87 37.23
C GLN D 147 -15.46 -16.86 36.12
N GLN D 148 -16.50 -16.52 35.34
CA GLN D 148 -16.31 -15.63 34.21
C GLN D 148 -17.61 -14.89 33.91
N LEU D 149 -17.48 -13.85 33.10
CA LEU D 149 -18.61 -13.05 32.63
C LEU D 149 -19.20 -13.66 31.36
N ALA D 150 -20.52 -13.58 31.25
CA ALA D 150 -21.20 -14.10 30.08
C ALA D 150 -22.37 -13.18 29.74
N ILE D 151 -22.84 -13.29 28.50
CA ILE D 151 -24.04 -12.60 28.05
C ILE D 151 -24.97 -13.62 27.41
N LEU D 152 -26.25 -13.47 27.70
CA LEU D 152 -27.30 -14.31 27.13
C LEU D 152 -28.04 -13.50 26.08
N ARG D 153 -28.08 -14.00 24.84
CA ARG D 153 -28.78 -13.38 23.74
C ARG D 153 -29.59 -14.44 23.01
N VAL D 154 -30.29 -14.02 21.96
CA VAL D 154 -31.15 -14.89 21.18
C VAL D 154 -30.60 -14.97 19.76
N TYR D 155 -30.40 -16.20 19.27
CA TYR D 155 -29.98 -16.45 17.90
C TYR D 155 -30.93 -17.48 17.30
N GLU D 156 -31.65 -17.09 16.26
CA GLU D 156 -32.64 -17.94 15.59
C GLU D 156 -33.64 -18.39 16.65
N ASN D 157 -33.88 -19.70 16.79
CA ASN D 157 -34.82 -20.20 17.79
C ASN D 157 -34.16 -20.55 19.11
N CYS D 158 -32.86 -20.31 19.25
CA CYS D 158 -32.11 -20.73 20.43
C CYS D 158 -31.63 -19.52 21.22
N ILE D 159 -31.28 -19.78 22.48
CA ILE D 159 -30.57 -18.81 23.31
C ILE D 159 -29.09 -19.16 23.25
N VAL D 160 -28.25 -18.15 23.07
CA VAL D 160 -26.81 -18.32 23.00
C VAL D 160 -26.18 -17.59 24.17
N MET D 161 -25.37 -18.30 24.94
CA MET D 161 -24.65 -17.71 26.06
C MET D 161 -23.18 -17.61 25.65
N GLU D 162 -22.68 -16.40 25.59
CA GLU D 162 -21.31 -16.12 25.18
C GLU D 162 -20.50 -15.71 26.40
N SER D 163 -19.53 -16.54 26.75
CA SER D 163 -18.48 -16.08 27.67
C SER D 163 -17.74 -14.93 27.02
N ILE D 164 -17.56 -13.85 27.77
CA ILE D 164 -16.99 -12.61 27.23
C ILE D 164 -15.79 -12.20 28.06
N HIS D 165 -14.91 -11.42 27.43
CA HIS D 165 -13.74 -10.90 28.13
C HIS D 165 -14.15 -9.81 29.10
N TYR D 166 -13.36 -9.66 30.16
CA TYR D 166 -13.60 -8.57 31.10
C TYR D 166 -13.30 -7.23 30.43
N PRO D 167 -14.00 -6.16 30.84
CA PRO D 167 -13.82 -4.87 30.16
C PRO D 167 -12.40 -4.35 30.19
N ASP D 168 -11.63 -4.65 31.23
CA ASP D 168 -10.24 -4.22 31.29
C ASP D 168 -9.34 -4.99 30.33
N GLU D 169 -9.80 -6.13 29.81
CA GLU D 169 -9.05 -6.91 28.85
C GLU D 169 -9.38 -6.55 27.41
N VAL D 170 -10.28 -5.61 27.18
CA VAL D 170 -10.69 -5.18 25.85
C VAL D 170 -10.14 -3.79 25.60
N ARG D 171 -9.41 -3.63 24.50
CA ARG D 171 -8.79 -2.35 24.19
C ARG D 171 -9.79 -1.39 23.56
N SER D 172 -9.44 -0.11 23.58
CA SER D 172 -10.32 0.94 23.10
C SER D 172 -10.07 1.20 21.62
N ALA D 173 -11.15 1.22 20.84
CA ALA D 173 -11.03 1.47 19.40
C ALA D 173 -10.63 2.91 19.09
N ALA D 174 -10.70 3.82 20.06
CA ALA D 174 -10.29 5.20 19.85
C ALA D 174 -8.80 5.41 19.99
N GLN D 175 -8.05 4.38 20.39
CA GLN D 175 -6.61 4.48 20.54
C GLN D 175 -5.84 3.80 19.42
N VAL D 176 -6.53 3.38 18.36
CA VAL D 176 -5.87 2.75 17.22
C VAL D 176 -5.06 3.82 16.48
N PRO D 177 -3.75 3.62 16.31
CA PRO D 177 -2.93 4.67 15.70
C PRO D 177 -3.30 4.91 14.24
N GLY D 178 -3.48 6.18 13.89
CA GLY D 178 -3.70 6.57 12.51
C GLY D 178 -5.13 6.57 12.04
N VAL D 179 -6.07 6.12 12.86
CA VAL D 179 -7.47 6.04 12.45
C VAL D 179 -8.06 7.44 12.39
N PRO D 180 -8.58 7.88 11.24
CA PRO D 180 -9.14 9.23 11.14
C PRO D 180 -10.63 9.27 11.45
N ASP D 181 -11.22 10.46 11.41
CA ASP D 181 -12.66 10.61 11.57
C ASP D 181 -13.36 10.45 10.22
N GLN D 182 -14.67 10.67 10.21
CA GLN D 182 -15.50 10.45 9.02
C GLN D 182 -15.85 11.75 8.30
N SER D 183 -15.18 12.86 8.64
CA SER D 183 -15.59 14.15 8.10
C SER D 183 -15.27 14.26 6.61
N ASN D 184 -14.05 13.88 6.21
CA ASN D 184 -13.56 14.13 4.85
C ASN D 184 -13.77 12.88 4.01
N VAL D 185 -14.97 12.75 3.43
CA VAL D 185 -15.29 11.68 2.49
C VAL D 185 -15.92 12.32 1.26
N ASN D 186 -15.34 12.03 0.08
CA ASN D 186 -15.91 12.55 -1.16
C ASN D 186 -17.12 11.72 -1.57
N ASP D 187 -18.15 12.40 -2.07
CA ASP D 187 -19.40 11.71 -2.40
C ASP D 187 -19.24 10.84 -3.65
N LYS D 188 -18.60 11.35 -4.69
CA LYS D 188 -18.42 10.57 -5.91
C LYS D 188 -17.56 9.33 -5.65
N GLU D 189 -16.48 9.49 -4.89
CA GLU D 189 -15.64 8.35 -4.54
C GLU D 189 -16.41 7.34 -3.69
N LEU D 190 -17.24 7.83 -2.77
CA LEU D 190 -18.05 6.95 -1.95
C LEU D 190 -19.03 6.15 -2.80
N GLN D 191 -19.67 6.80 -3.77
CA GLN D 191 -20.59 6.10 -4.65
C GLN D 191 -19.87 5.06 -5.49
N THR D 192 -18.68 5.40 -5.99
CA THR D 192 -17.89 4.42 -6.75
C THR D 192 -17.53 3.22 -5.89
N ALA D 193 -17.10 3.46 -4.65
CA ALA D 193 -16.77 2.36 -3.75
C ALA D 193 -17.99 1.51 -3.44
N ILE D 194 -19.13 2.15 -3.23
CA ILE D 194 -20.37 1.40 -2.95
C ILE D 194 -20.75 0.54 -4.15
N THR D 195 -20.63 1.09 -5.36
CA THR D 195 -20.92 0.31 -6.56
C THR D 195 -19.98 -0.88 -6.69
N LEU D 196 -18.69 -0.68 -6.40
CA LEU D 196 -17.74 -1.78 -6.45
C LEU D 196 -18.08 -2.86 -5.43
N ILE D 197 -18.41 -2.44 -4.20
CA ILE D 197 -18.75 -3.41 -3.15
C ILE D 197 -19.99 -4.19 -3.54
N ASP D 198 -20.99 -3.51 -4.11
CA ASP D 198 -22.18 -4.20 -4.58
C ASP D 198 -21.86 -5.15 -5.72
N GLU D 199 -20.88 -4.80 -6.56
CA GLU D 199 -20.45 -5.70 -7.62
C GLU D 199 -19.85 -6.98 -7.05
N LEU D 200 -19.05 -6.86 -5.99
CA LEU D 200 -18.50 -8.05 -5.36
C LEU D 200 -19.43 -8.69 -4.34
N THR D 201 -20.62 -8.14 -4.12
CA THR D 201 -21.54 -8.70 -3.13
C THR D 201 -22.08 -10.06 -3.60
N ALA D 202 -22.10 -11.01 -2.67
CA ALA D 202 -22.62 -12.34 -2.94
C ALA D 202 -23.36 -12.85 -1.71
N LYS D 203 -24.24 -13.82 -1.93
CA LYS D 203 -24.96 -14.45 -0.83
C LYS D 203 -24.02 -15.39 -0.07
N PHE D 204 -24.18 -15.42 1.25
CA PHE D 204 -23.29 -16.22 2.09
C PHE D 204 -23.59 -17.70 1.89
N GLU D 205 -22.61 -18.42 1.34
CA GLU D 205 -22.71 -19.86 1.16
C GLU D 205 -21.64 -20.54 2.01
N PRO D 206 -22.00 -21.10 3.16
CA PRO D 206 -20.98 -21.71 4.03
C PRO D 206 -20.24 -22.88 3.39
N GLU D 207 -20.85 -23.56 2.41
CA GLU D 207 -20.19 -24.69 1.77
C GLU D 207 -19.06 -24.26 0.85
N LYS D 208 -18.93 -22.97 0.55
CA LYS D 208 -17.87 -22.50 -0.34
C LYS D 208 -16.52 -22.46 0.36
N TYR D 209 -16.49 -22.16 1.65
CA TYR D 209 -15.26 -21.96 2.39
C TYR D 209 -14.93 -23.22 3.18
N GLU D 210 -13.74 -23.77 2.95
CA GLU D 210 -13.27 -24.96 3.64
C GLU D 210 -11.81 -24.79 4.01
N ASP D 211 -11.39 -25.51 5.06
CA ASP D 211 -10.00 -25.48 5.48
C ASP D 211 -9.15 -26.29 4.51
N THR D 212 -8.57 -25.62 3.52
CA THR D 212 -7.83 -26.32 2.47
C THR D 212 -6.60 -27.03 3.03
N TYR D 213 -5.96 -26.46 4.06
CA TYR D 213 -4.80 -27.12 4.65
C TYR D 213 -5.19 -28.46 5.28
N ARG D 214 -6.33 -28.51 5.96
CA ARG D 214 -6.77 -29.76 6.57
C ARG D 214 -7.04 -30.83 5.51
N GLN D 215 -7.73 -30.46 4.43
CA GLN D 215 -8.00 -31.42 3.37
C GLN D 215 -6.71 -31.89 2.71
N ALA D 216 -5.77 -30.97 2.49
CA ALA D 216 -4.50 -31.36 1.88
C ALA D 216 -3.72 -32.31 2.79
N LEU D 217 -3.70 -32.03 4.10
CA LEU D 217 -3.00 -32.92 5.03
C LEU D 217 -3.66 -34.28 5.09
N LEU D 218 -5.00 -34.32 5.10
CA LEU D 218 -5.69 -35.61 5.14
C LEU D 218 -5.45 -36.39 3.85
N GLN D 219 -5.42 -35.70 2.71
CA GLN D 219 -5.11 -36.37 1.44
C GLN D 219 -3.70 -36.92 1.44
N ARG D 220 -2.74 -36.16 1.97
CA ARG D 220 -1.37 -36.66 2.05
C ARG D 220 -1.27 -37.87 2.97
N VAL D 221 -1.99 -37.83 4.09
CA VAL D 221 -1.99 -38.98 5.02
C VAL D 221 -2.59 -40.20 4.35
N ASN D 222 -3.69 -40.02 3.61
CA ASN D 222 -4.30 -41.14 2.90
C ASN D 222 -3.38 -41.68 1.82
N ASP D 223 -2.68 -40.81 1.12
CA ASP D 223 -1.72 -41.25 0.11
C ASP D 223 -0.59 -42.07 0.73
N LYS D 224 -0.08 -41.61 1.87
CA LYS D 224 0.98 -42.36 2.56
C LYS D 224 0.45 -43.68 3.10
N LEU D 225 -0.82 -43.73 3.51
CA LEU D 225 -1.38 -44.96 4.05
C LEU D 225 -1.62 -45.99 2.95
N GLU D 226 -2.17 -45.56 1.81
CA GLU D 226 -2.52 -46.50 0.75
C GLU D 226 -1.29 -47.10 0.08
N ASN D 227 -0.13 -46.46 0.20
CA ASN D 227 1.09 -46.96 -0.42
C ASN D 227 1.87 -47.84 0.56
#